data_3WTH
#
_entry.id   3WTH
#
_cell.length_a   74.586
_cell.length_b   74.586
_cell.length_c   350.731
_cell.angle_alpha   90.00
_cell.angle_beta   90.00
_cell.angle_gamma   120.00
#
_symmetry.space_group_name_H-M   'P 65'
#
loop_
_entity.id
_entity.type
_entity.pdbx_description
1 polymer 'Acetylcholine-binding protein'
2 non-polymer (2E)-1-[(6-chloropyridin-3-yl)methyl]-N-nitroimidazolidin-2-imine
3 water water
#
_entity_poly.entity_id   1
_entity_poly.type   'polypeptide(L)'
_entity_poly.pdbx_seq_one_letter_code
;EAEAADRADILYNIRQTSRPDVIPTQRDRPVAVSVSLKFINILEVNEITNEVDVVFWQRTTWSDRTLAWDSSHSPDQVSV
PISSLWVPDLAAYNAISKPEVLTPQLARVVSDGEVLYMPSIRQRFSCDVSGVDTESGATCRIKIGSWTHHSREISVDPTT
ENSDDSEYFSQYSRFEILDVTQKKNSVTYSCCPEAYEDVEVSLNFRKKGRSEIL
;
_entity_poly.pdbx_strand_id   A,B,C,D,E
#
loop_
_chem_comp.id
_chem_comp.type
_chem_comp.name
_chem_comp.formula
IM4 non-polymer (2E)-1-[(6-chloropyridin-3-yl)methyl]-N-nitroimidazolidin-2-imine 'C9 H10 Cl N5 O2'
#
# COMPACT_ATOMS: atom_id res chain seq x y z
N ALA A 4 -24.59 27.77 -21.36
CA ALA A 4 -24.85 26.46 -22.03
C ALA A 4 -23.83 25.40 -21.61
N ALA A 5 -22.90 25.78 -20.74
CA ALA A 5 -21.87 24.86 -20.26
C ALA A 5 -22.49 23.64 -19.57
N ASP A 6 -21.68 22.59 -19.40
CA ASP A 6 -22.16 21.39 -18.75
C ASP A 6 -21.08 20.89 -17.80
N ARG A 7 -21.33 19.74 -17.17
CA ARG A 7 -20.38 19.18 -16.21
C ARG A 7 -19.02 18.88 -16.84
N ALA A 8 -19.03 18.44 -18.10
CA ALA A 8 -17.81 18.12 -18.83
C ALA A 8 -16.94 19.37 -18.94
N ASP A 9 -17.58 20.51 -19.25
CA ASP A 9 -16.86 21.77 -19.40
C ASP A 9 -16.41 22.36 -18.05
N ILE A 10 -17.26 22.26 -17.02
CA ILE A 10 -16.92 22.80 -15.72
C ILE A 10 -15.60 22.21 -15.25
N LEU A 11 -15.47 20.90 -15.45
CA LEU A 11 -14.28 20.19 -15.07
C LEU A 11 -13.08 20.63 -15.90
N TYR A 12 -13.22 20.54 -17.22
CA TYR A 12 -12.16 20.94 -18.14
C TYR A 12 -11.57 22.27 -17.70
N ASN A 13 -12.42 23.19 -17.29
CA ASN A 13 -11.99 24.51 -16.85
C ASN A 13 -11.15 24.46 -15.59
N ILE A 14 -11.63 23.68 -14.61
CA ILE A 14 -10.91 23.53 -13.34
C ILE A 14 -9.51 23.01 -13.63
N ARG A 15 -9.41 22.04 -14.54
CA ARG A 15 -8.12 21.49 -14.91
C ARG A 15 -7.20 22.60 -15.44
N GLN A 16 -7.75 23.43 -16.33
CA GLN A 16 -7.03 24.55 -16.93
C GLN A 16 -6.60 25.66 -15.96
N THR A 17 -7.31 25.85 -14.85
CA THR A 17 -6.93 26.92 -13.93
C THR A 17 -6.40 26.50 -12.55
N SER A 18 -6.84 25.34 -12.06
CA SER A 18 -6.42 24.84 -10.75
C SER A 18 -4.94 24.52 -10.59
N ARG A 19 -4.36 25.03 -9.50
CA ARG A 19 -2.96 24.79 -9.18
C ARG A 19 -2.93 24.03 -7.85
N PRO A 20 -3.16 22.71 -7.88
CA PRO A 20 -3.15 21.92 -6.64
C PRO A 20 -1.98 22.08 -5.68
N ASP A 21 -0.83 22.51 -6.20
CA ASP A 21 0.34 22.68 -5.34
C ASP A 21 0.60 24.11 -4.90
N VAL A 22 -0.28 25.03 -5.28
CA VAL A 22 -0.13 26.42 -4.90
C VAL A 22 -1.31 26.90 -4.08
N ILE A 23 -1.04 27.34 -2.87
CA ILE A 23 -2.09 27.84 -1.97
C ILE A 23 -2.77 29.05 -2.61
N PRO A 24 -4.10 28.98 -2.82
CA PRO A 24 -4.91 30.05 -3.44
C PRO A 24 -4.97 31.33 -2.61
N THR A 25 -3.81 31.96 -2.40
CA THR A 25 -3.71 33.19 -1.61
C THR A 25 -4.02 34.45 -2.40
N GLN A 26 -5.04 35.16 -1.97
CA GLN A 26 -5.43 36.41 -2.60
C GLN A 26 -4.71 37.53 -1.88
N ARG A 27 -3.82 38.23 -2.60
CA ARG A 27 -3.05 39.31 -2.01
C ARG A 27 -2.16 38.68 -0.93
N ASP A 28 -2.08 39.34 0.22
CA ASP A 28 -1.29 38.82 1.33
C ASP A 28 -2.25 38.27 2.39
N ARG A 29 -3.51 38.09 1.98
CA ARG A 29 -4.55 37.56 2.84
C ARG A 29 -4.52 36.03 2.89
N PRO A 30 -4.34 35.46 4.09
CA PRO A 30 -4.28 34.00 4.24
C PRO A 30 -5.58 33.32 3.87
N VAL A 31 -5.49 32.08 3.38
CA VAL A 31 -6.66 31.34 2.99
C VAL A 31 -7.43 30.91 4.22
N ALA A 32 -8.70 31.31 4.30
CA ALA A 32 -9.51 30.97 5.45
C ALA A 32 -10.05 29.57 5.32
N VAL A 33 -9.57 28.69 6.19
CA VAL A 33 -9.99 27.30 6.18
C VAL A 33 -10.86 26.99 7.38
N SER A 34 -12.04 26.46 7.09
CA SER A 34 -12.97 26.10 8.14
C SER A 34 -12.94 24.57 8.35
N VAL A 35 -12.72 24.14 9.59
CA VAL A 35 -12.66 22.71 9.94
C VAL A 35 -13.66 22.36 11.04
N SER A 36 -14.33 21.24 10.88
CA SER A 36 -15.32 20.81 11.86
C SER A 36 -15.39 19.29 11.85
N LEU A 37 -15.16 18.65 12.99
CA LEU A 37 -15.24 17.20 13.01
C LEU A 37 -16.61 16.73 13.46
N LYS A 38 -17.04 15.61 12.92
CA LYS A 38 -18.33 15.00 13.27
C LYS A 38 -18.09 13.53 13.66
N PHE A 39 -17.96 13.28 14.96
CA PHE A 39 -17.70 11.94 15.45
C PHE A 39 -18.79 10.96 15.06
N ILE A 40 -18.37 9.92 14.34
CA ILE A 40 -19.26 8.88 13.85
C ILE A 40 -19.11 7.63 14.72
N ASN A 41 -17.90 7.38 15.19
CA ASN A 41 -17.65 6.19 16.01
C ASN A 41 -16.35 6.21 16.80
N ILE A 42 -16.36 5.46 17.90
CA ILE A 42 -15.19 5.31 18.77
C ILE A 42 -15.01 3.79 18.83
N LEU A 43 -13.99 3.29 18.13
CA LEU A 43 -13.75 1.84 18.07
C LEU A 43 -12.89 1.21 19.16
N GLU A 44 -11.79 1.85 19.50
CA GLU A 44 -10.89 1.35 20.52
C GLU A 44 -10.43 2.45 21.45
N VAL A 45 -10.30 2.09 22.71
CA VAL A 45 -9.90 3.01 23.75
C VAL A 45 -9.00 2.28 24.72
N ASN A 46 -7.81 2.81 24.99
CA ASN A 46 -6.91 2.15 25.92
C ASN A 46 -6.72 3.00 27.18
N GLU A 47 -7.37 2.59 28.27
CA GLU A 47 -7.28 3.32 29.54
C GLU A 47 -5.89 3.41 30.15
N ILE A 48 -5.02 2.48 29.76
CA ILE A 48 -3.65 2.41 30.28
C ILE A 48 -2.61 3.16 29.43
N THR A 49 -2.80 3.17 28.11
CA THR A 49 -1.88 3.84 27.21
C THR A 49 -2.41 5.18 26.70
N ASN A 50 -3.60 5.56 27.15
CA ASN A 50 -4.20 6.81 26.70
C ASN A 50 -4.17 6.94 25.18
N GLU A 51 -4.84 6.01 24.51
CA GLU A 51 -4.91 6.04 23.06
C GLU A 51 -6.32 5.74 22.67
N VAL A 52 -6.79 6.36 21.59
CA VAL A 52 -8.14 6.12 21.11
C VAL A 52 -8.12 5.94 19.59
N ASP A 53 -9.02 5.09 19.12
CA ASP A 53 -9.16 4.80 17.70
C ASP A 53 -10.57 5.28 17.38
N VAL A 54 -10.70 6.30 16.56
CA VAL A 54 -12.03 6.82 16.27
C VAL A 54 -12.32 7.06 14.79
N VAL A 55 -13.60 7.17 14.47
CA VAL A 55 -14.03 7.43 13.11
C VAL A 55 -14.76 8.76 13.11
N PHE A 56 -14.46 9.62 12.16
CA PHE A 56 -15.15 10.89 12.11
C PHE A 56 -15.11 11.51 10.73
N TRP A 57 -16.10 12.36 10.46
CA TRP A 57 -16.18 13.05 9.19
C TRP A 57 -15.48 14.37 9.45
N GLN A 58 -14.53 14.71 8.60
CA GLN A 58 -13.81 15.97 8.79
C GLN A 58 -14.27 16.98 7.74
N ARG A 59 -15.25 17.81 8.11
CA ARG A 59 -15.79 18.81 7.19
C ARG A 59 -14.75 19.92 7.01
N THR A 60 -14.33 20.10 5.76
CA THR A 60 -13.32 21.09 5.44
C THR A 60 -13.80 22.01 4.31
N THR A 61 -13.64 23.30 4.52
CA THR A 61 -14.08 24.31 3.57
C THR A 61 -13.09 25.45 3.40
N TRP A 62 -13.01 25.96 2.18
CA TRP A 62 -12.12 27.07 1.83
C TRP A 62 -12.54 27.64 0.48
N SER A 63 -12.02 28.81 0.13
CA SER A 63 -12.36 29.42 -1.15
C SER A 63 -11.22 29.44 -2.14
N ASP A 64 -11.59 29.29 -3.40
CA ASP A 64 -10.61 29.33 -4.47
C ASP A 64 -11.34 29.90 -5.69
N ARG A 65 -11.47 31.23 -5.70
CA ARG A 65 -12.15 31.94 -6.78
C ARG A 65 -11.63 31.62 -8.18
N THR A 66 -10.34 31.32 -8.32
CA THR A 66 -9.78 31.02 -9.65
C THR A 66 -10.51 29.87 -10.34
N LEU A 67 -11.36 29.17 -9.58
CA LEU A 67 -12.09 28.03 -10.12
C LEU A 67 -13.56 28.38 -10.39
N ALA A 68 -13.95 29.60 -10.05
CA ALA A 68 -15.33 30.05 -10.25
C ALA A 68 -15.77 30.00 -11.72
N TRP A 69 -17.08 29.98 -11.94
CA TRP A 69 -17.66 29.94 -13.29
C TRP A 69 -19.14 30.33 -13.24
N ASP A 70 -19.68 30.74 -14.38
CA ASP A 70 -21.08 31.15 -14.50
C ASP A 70 -22.00 29.94 -14.46
N SER A 71 -22.83 29.87 -13.42
CA SER A 71 -23.76 28.76 -13.26
C SER A 71 -25.20 29.17 -13.55
N SER A 72 -25.38 30.24 -14.32
CA SER A 72 -26.72 30.72 -14.66
C SER A 72 -27.32 29.88 -15.79
N HIS A 73 -26.47 29.07 -16.40
CA HIS A 73 -26.90 28.20 -17.49
C HIS A 73 -26.27 26.79 -17.41
N SER A 74 -25.86 26.39 -16.21
CA SER A 74 -25.24 25.09 -15.99
C SER A 74 -25.22 24.83 -14.50
N PRO A 75 -24.92 23.58 -14.09
CA PRO A 75 -24.86 23.17 -12.68
C PRO A 75 -23.94 24.08 -11.89
N ASP A 76 -24.36 24.44 -10.67
CA ASP A 76 -23.53 25.35 -9.87
C ASP A 76 -22.64 24.58 -8.92
N GLN A 77 -22.59 23.27 -9.09
CA GLN A 77 -21.77 22.45 -8.22
C GLN A 77 -21.45 21.14 -8.91
N VAL A 78 -20.25 20.61 -8.65
CA VAL A 78 -19.82 19.34 -9.23
C VAL A 78 -18.82 18.63 -8.30
N SER A 79 -18.74 17.30 -8.42
CA SER A 79 -17.80 16.53 -7.61
C SER A 79 -16.45 16.48 -8.34
N VAL A 80 -15.37 16.77 -7.62
CA VAL A 80 -14.03 16.77 -8.22
C VAL A 80 -12.98 16.01 -7.38
N PRO A 81 -12.09 15.26 -8.03
CA PRO A 81 -11.05 14.51 -7.29
C PRO A 81 -10.15 15.52 -6.59
N ILE A 82 -9.88 15.30 -5.30
CA ILE A 82 -9.05 16.26 -4.57
C ILE A 82 -7.69 16.41 -5.22
N SER A 83 -7.26 15.42 -5.99
CA SER A 83 -5.96 15.47 -6.65
C SER A 83 -5.90 16.53 -7.75
N SER A 84 -7.07 16.98 -8.20
CA SER A 84 -7.11 18.03 -9.24
C SER A 84 -7.24 19.40 -8.58
N LEU A 85 -7.18 19.42 -7.25
CA LEU A 85 -7.33 20.66 -6.49
C LEU A 85 -6.34 20.86 -5.38
N TRP A 86 -6.13 22.10 -5.01
CA TRP A 86 -5.26 22.39 -3.89
C TRP A 86 -6.07 22.08 -2.64
N VAL A 87 -5.43 21.48 -1.65
CA VAL A 87 -6.13 21.13 -0.41
C VAL A 87 -5.27 21.55 0.77
N PRO A 88 -5.90 21.95 1.87
CA PRO A 88 -5.12 22.37 3.04
C PRO A 88 -4.31 21.20 3.59
N ASP A 89 -3.05 21.46 3.90
CA ASP A 89 -2.20 20.44 4.47
C ASP A 89 -2.48 20.37 5.96
N LEU A 90 -3.71 20.02 6.31
CA LEU A 90 -4.11 19.91 7.72
C LEU A 90 -3.52 18.63 8.26
N ALA A 91 -3.38 18.57 9.58
CA ALA A 91 -2.84 17.40 10.27
C ALA A 91 -3.21 17.41 11.75
N ALA A 92 -3.37 16.22 12.32
CA ALA A 92 -3.68 16.10 13.73
C ALA A 92 -2.37 16.05 14.46
N TYR A 93 -2.09 17.12 15.17
CA TYR A 93 -0.85 17.21 15.92
C TYR A 93 -0.63 16.03 16.84
N ASN A 94 -1.69 15.50 17.45
CA ASN A 94 -1.51 14.38 18.38
C ASN A 94 -1.89 12.98 17.90
N ALA A 95 -1.93 12.81 16.58
CA ALA A 95 -2.27 11.52 15.98
C ALA A 95 -1.06 10.60 15.87
N ILE A 96 -1.21 9.38 16.36
CA ILE A 96 -0.14 8.40 16.34
C ILE A 96 -0.27 7.39 15.20
N SER A 97 -1.05 7.72 14.18
CA SER A 97 -1.20 6.88 12.99
C SER A 97 -1.64 7.77 11.85
N LYS A 98 -1.35 7.36 10.61
CA LYS A 98 -1.78 8.21 9.52
C LYS A 98 -3.28 8.10 9.34
N PRO A 99 -3.91 9.15 8.80
CA PRO A 99 -5.35 9.16 8.58
C PRO A 99 -5.78 8.17 7.53
N GLU A 100 -6.71 7.30 7.89
CA GLU A 100 -7.20 6.31 6.96
C GLU A 100 -8.51 6.86 6.41
N VAL A 101 -8.49 7.34 5.16
CA VAL A 101 -9.70 7.87 4.54
C VAL A 101 -10.50 6.69 4.04
N LEU A 102 -11.73 6.62 4.51
CA LEU A 102 -12.60 5.51 4.18
C LEU A 102 -13.54 5.79 3.00
N THR A 103 -13.62 7.05 2.60
CA THR A 103 -14.51 7.43 1.55
C THR A 103 -13.85 7.91 0.25
N PRO A 104 -14.64 7.93 -0.83
CA PRO A 104 -14.11 8.38 -2.12
C PRO A 104 -13.49 9.78 -1.94
N GLN A 105 -12.28 9.96 -2.43
CA GLN A 105 -11.60 11.23 -2.28
C GLN A 105 -12.01 12.30 -3.28
N LEU A 106 -13.25 12.72 -3.15
CA LEU A 106 -13.84 13.71 -4.01
C LEU A 106 -14.30 14.93 -3.22
N ALA A 107 -14.08 16.12 -3.76
CA ALA A 107 -14.53 17.33 -3.08
C ALA A 107 -15.67 17.87 -3.91
N ARG A 108 -16.34 18.85 -3.32
CA ARG A 108 -17.46 19.46 -3.98
C ARG A 108 -17.04 20.88 -4.31
N VAL A 109 -17.21 21.28 -5.56
CA VAL A 109 -16.84 22.63 -5.92
C VAL A 109 -18.05 23.39 -6.45
N VAL A 110 -18.33 24.54 -5.83
CA VAL A 110 -19.47 25.40 -6.18
C VAL A 110 -19.02 26.48 -7.17
N SER A 111 -19.91 26.83 -8.09
CA SER A 111 -19.61 27.82 -9.12
C SER A 111 -18.97 29.10 -8.60
N ASP A 112 -19.10 29.38 -7.31
CA ASP A 112 -18.52 30.61 -6.77
C ASP A 112 -17.09 30.41 -6.27
N GLY A 113 -16.52 29.25 -6.54
CA GLY A 113 -15.16 28.95 -6.10
C GLY A 113 -15.09 28.28 -4.75
N GLU A 114 -16.22 28.17 -4.08
CA GLU A 114 -16.27 27.53 -2.77
C GLU A 114 -15.89 26.07 -2.91
N VAL A 115 -15.02 25.59 -2.02
CA VAL A 115 -14.64 24.19 -2.07
C VAL A 115 -14.99 23.50 -0.76
N LEU A 116 -15.57 22.31 -0.86
CA LEU A 116 -15.98 21.49 0.29
C LEU A 116 -15.47 20.04 0.20
N TYR A 117 -14.70 19.62 1.21
CA TYR A 117 -14.16 18.26 1.25
C TYR A 117 -14.47 17.65 2.60
N MET A 118 -15.24 16.56 2.59
CA MET A 118 -15.64 15.89 3.82
C MET A 118 -15.42 14.39 3.79
N PRO A 119 -14.19 13.96 4.07
CA PRO A 119 -13.93 12.52 4.04
C PRO A 119 -14.21 11.90 5.39
N SER A 120 -14.52 10.61 5.39
CA SER A 120 -14.72 9.94 6.66
C SER A 120 -13.35 9.38 6.97
N ILE A 121 -12.85 9.68 8.17
CA ILE A 121 -11.52 9.22 8.54
C ILE A 121 -11.45 8.37 9.79
N ARG A 122 -10.59 7.37 9.78
CA ARG A 122 -10.38 6.55 10.96
C ARG A 122 -8.97 6.87 11.36
N GLN A 123 -8.76 7.28 12.60
CA GLN A 123 -7.42 7.61 13.02
C GLN A 123 -7.17 7.32 14.50
N ARG A 124 -5.92 7.02 14.84
CA ARG A 124 -5.58 6.75 16.22
C ARG A 124 -4.98 8.04 16.79
N PHE A 125 -5.27 8.36 18.05
CA PHE A 125 -4.73 9.56 18.68
C PHE A 125 -4.20 9.25 20.07
N SER A 126 -3.39 10.17 20.55
CA SER A 126 -2.77 10.13 21.89
C SER A 126 -3.39 11.33 22.61
N CYS A 127 -4.23 11.02 23.59
CA CYS A 127 -4.94 12.03 24.36
C CYS A 127 -5.32 11.47 25.72
N ASP A 128 -5.98 12.30 26.52
CA ASP A 128 -6.38 11.94 27.88
C ASP A 128 -7.61 11.03 27.92
N VAL A 129 -7.40 9.80 28.33
CA VAL A 129 -8.44 8.79 28.39
C VAL A 129 -8.97 8.52 29.80
N SER A 130 -8.23 9.01 30.78
CA SER A 130 -8.62 8.84 32.16
C SER A 130 -10.06 9.29 32.38
N GLY A 131 -10.76 8.58 33.26
CA GLY A 131 -12.14 8.88 33.54
C GLY A 131 -13.10 8.36 32.49
N VAL A 132 -12.63 7.67 31.46
CA VAL A 132 -13.55 7.19 30.43
C VAL A 132 -14.61 6.25 31.00
N ASP A 133 -14.26 5.54 32.07
CA ASP A 133 -15.17 4.60 32.70
C ASP A 133 -16.07 5.17 33.79
N THR A 134 -15.91 6.45 34.11
CA THR A 134 -16.77 7.06 35.12
C THR A 134 -17.95 7.74 34.45
N GLU A 135 -18.81 8.36 35.25
CA GLU A 135 -19.99 9.03 34.76
C GLU A 135 -19.66 10.35 34.07
N SER A 136 -18.60 11.02 34.54
CA SER A 136 -18.16 12.28 33.97
C SER A 136 -17.41 12.03 32.66
N GLY A 137 -17.02 10.76 32.44
CA GLY A 137 -16.32 10.37 31.23
C GLY A 137 -14.95 11.00 31.02
N ALA A 138 -14.34 10.74 29.87
CA ALA A 138 -13.02 11.29 29.59
C ALA A 138 -13.10 12.45 28.63
N THR A 139 -12.01 13.17 28.49
CA THR A 139 -12.01 14.26 27.54
C THR A 139 -10.79 14.13 26.66
N CYS A 140 -11.01 13.66 25.45
CA CYS A 140 -9.90 13.49 24.51
C CYS A 140 -9.86 14.74 23.66
N ARG A 141 -8.73 15.46 23.70
CA ARG A 141 -8.60 16.66 22.90
C ARG A 141 -7.76 16.37 21.66
N ILE A 142 -8.30 16.71 20.48
CA ILE A 142 -7.63 16.51 19.20
C ILE A 142 -7.31 17.87 18.60
N LYS A 143 -6.08 18.05 18.12
CA LYS A 143 -5.70 19.33 17.50
C LYS A 143 -5.44 19.18 16.01
N ILE A 144 -6.26 19.84 15.20
CA ILE A 144 -6.10 19.78 13.76
C ILE A 144 -5.84 21.17 13.19
N GLY A 145 -4.71 21.32 12.50
CA GLY A 145 -4.34 22.59 11.89
C GLY A 145 -3.28 22.41 10.81
N SER A 146 -3.06 23.44 9.99
CA SER A 146 -2.06 23.32 8.93
C SER A 146 -0.73 22.84 9.46
N TRP A 147 -0.01 22.07 8.64
CA TRP A 147 1.28 21.58 9.09
C TRP A 147 2.43 22.48 8.67
N THR A 148 2.35 23.09 7.49
CA THR A 148 3.44 23.96 7.04
C THR A 148 3.09 25.44 6.81
N HIS A 149 1.80 25.76 6.73
CA HIS A 149 1.37 27.15 6.50
C HIS A 149 0.94 27.83 7.78
N HIS A 150 1.56 28.96 8.10
CA HIS A 150 1.22 29.68 9.31
C HIS A 150 0.11 30.73 9.13
N SER A 151 -0.29 31.35 10.23
CA SER A 151 -1.35 32.36 10.26
C SER A 151 -1.39 33.33 9.08
N ARG A 152 -0.23 33.77 8.61
CA ARG A 152 -0.21 34.72 7.48
C ARG A 152 -0.55 34.04 6.15
N GLU A 153 -0.48 32.71 6.11
CA GLU A 153 -0.79 31.98 4.88
C GLU A 153 -2.10 31.21 4.99
N ILE A 154 -2.33 30.58 6.14
CA ILE A 154 -3.58 29.85 6.34
C ILE A 154 -4.15 30.15 7.71
N SER A 155 -5.47 30.24 7.77
CA SER A 155 -6.15 30.49 9.01
C SER A 155 -7.21 29.42 9.15
N VAL A 156 -7.35 28.88 10.36
CA VAL A 156 -8.32 27.84 10.63
C VAL A 156 -9.26 28.19 11.79
N ASP A 157 -10.55 28.25 11.47
CA ASP A 157 -11.57 28.56 12.46
C ASP A 157 -12.62 27.44 12.46
N PRO A 158 -13.05 27.02 13.65
CA PRO A 158 -14.05 25.95 13.77
C PRO A 158 -15.41 26.42 13.30
N THR A 159 -16.24 25.47 12.90
CA THR A 159 -17.58 25.78 12.45
C THR A 159 -18.53 25.62 13.63
N THR A 160 -18.26 26.38 14.69
CA THR A 160 -19.07 26.32 15.91
C THR A 160 -20.51 26.81 15.72
N GLU A 161 -21.45 25.85 15.74
CA GLU A 161 -22.87 26.16 15.60
C GLU A 161 -23.70 25.22 16.49
N ASN A 162 -25.00 25.17 16.27
CA ASN A 162 -25.87 24.30 17.07
C ASN A 162 -26.23 23.02 16.34
N SER A 163 -26.02 21.89 17.02
CA SER A 163 -26.35 20.58 16.47
C SER A 163 -25.99 19.54 17.52
N ASP A 164 -26.50 18.32 17.33
CA ASP A 164 -26.24 17.24 18.27
C ASP A 164 -24.88 16.59 18.02
N ASP A 165 -23.96 16.78 18.95
CA ASP A 165 -22.61 16.23 18.86
C ASP A 165 -22.60 14.78 18.39
N SER A 166 -23.56 13.99 18.87
CA SER A 166 -23.65 12.60 18.48
C SER A 166 -24.86 12.32 17.58
N GLU A 167 -25.15 13.26 16.67
CA GLU A 167 -26.28 13.13 15.76
C GLU A 167 -26.04 12.06 14.69
N TYR A 168 -24.78 11.77 14.42
CA TYR A 168 -24.44 10.75 13.41
C TYR A 168 -23.56 9.67 14.02
N PHE A 169 -23.49 9.66 15.35
CA PHE A 169 -22.69 8.69 16.09
C PHE A 169 -23.32 7.32 16.12
N SER A 170 -22.55 6.28 15.80
CA SER A 170 -23.12 4.94 15.82
C SER A 170 -23.64 4.57 17.18
N GLN A 171 -24.88 4.11 17.19
CA GLN A 171 -25.52 3.70 18.42
C GLN A 171 -25.02 2.32 18.75
N TYR A 172 -24.16 1.77 17.90
CA TYR A 172 -23.65 0.42 18.15
C TYR A 172 -22.28 0.40 18.79
N SER A 173 -21.76 1.57 19.13
CA SER A 173 -20.47 1.69 19.76
C SER A 173 -20.57 1.32 21.25
N ARG A 174 -19.43 1.05 21.87
CA ARG A 174 -19.40 0.71 23.29
C ARG A 174 -19.42 2.00 24.11
N PHE A 175 -19.19 3.12 23.43
CA PHE A 175 -19.14 4.41 24.08
C PHE A 175 -20.27 5.34 23.64
N GLU A 176 -20.36 6.48 24.29
CA GLU A 176 -21.36 7.47 23.97
C GLU A 176 -20.69 8.83 24.16
N ILE A 177 -21.15 9.81 23.39
CA ILE A 177 -20.60 11.16 23.43
C ILE A 177 -21.44 12.00 24.37
N LEU A 178 -20.76 12.59 25.36
CA LEU A 178 -21.42 13.45 26.34
C LEU A 178 -21.46 14.85 25.80
N ASP A 179 -20.34 15.28 25.20
CA ASP A 179 -20.27 16.60 24.63
C ASP A 179 -19.03 16.78 23.77
N VAL A 180 -19.14 17.64 22.77
CA VAL A 180 -18.04 17.94 21.86
C VAL A 180 -17.96 19.44 21.67
N THR A 181 -16.81 20.03 22.01
CA THR A 181 -16.61 21.46 21.85
C THR A 181 -15.39 21.69 20.96
N GLN A 182 -15.50 22.66 20.06
CA GLN A 182 -14.42 22.96 19.13
C GLN A 182 -14.04 24.43 19.18
N LYS A 183 -12.81 24.71 19.59
CA LYS A 183 -12.35 26.07 19.70
C LYS A 183 -11.11 26.37 18.86
N LYS A 184 -11.01 27.60 18.37
CA LYS A 184 -9.85 28.01 17.59
C LYS A 184 -8.65 28.14 18.53
N ASN A 185 -7.49 27.66 18.08
CA ASN A 185 -6.29 27.73 18.89
C ASN A 185 -5.09 28.13 18.06
N SER A 186 -3.94 28.22 18.70
CA SER A 186 -2.72 28.62 18.03
C SER A 186 -1.52 27.84 18.57
N VAL A 187 -0.57 27.51 17.70
CA VAL A 187 0.61 26.76 18.12
C VAL A 187 1.89 27.47 17.66
N THR A 188 2.77 27.78 18.62
CA THR A 188 4.03 28.43 18.30
C THR A 188 5.16 27.55 18.79
N TYR A 189 6.21 27.42 17.99
CA TYR A 189 7.32 26.57 18.37
C TYR A 189 8.53 27.36 18.83
N SER A 190 9.16 26.89 19.90
CA SER A 190 10.34 27.56 20.43
C SER A 190 11.49 27.50 19.45
N CYS A 191 11.61 28.53 18.62
CA CYS A 191 12.68 28.61 17.62
C CYS A 191 12.34 29.72 16.71
N CYS A 192 11.07 29.72 16.38
CA CYS A 192 10.54 30.62 15.41
C CYS A 192 9.30 31.35 15.89
N PRO A 193 9.18 32.65 15.58
CA PRO A 193 8.03 33.48 15.99
C PRO A 193 6.70 33.09 15.34
N GLU A 194 6.76 32.71 14.07
CA GLU A 194 5.58 32.30 13.31
C GLU A 194 4.69 31.36 14.13
N ALA A 195 3.38 31.54 13.99
CA ALA A 195 2.40 30.74 14.71
C ALA A 195 1.47 30.00 13.74
N TYR A 196 1.08 28.78 14.10
CA TYR A 196 0.21 28.00 13.24
C TYR A 196 -1.19 27.85 13.84
N GLU A 197 -2.18 28.43 13.19
CA GLU A 197 -3.55 28.32 13.69
C GLU A 197 -4.01 26.87 13.65
N ASP A 198 -4.94 26.53 14.55
CA ASP A 198 -5.47 25.16 14.62
C ASP A 198 -6.84 25.17 15.28
N VAL A 199 -7.50 24.02 15.30
CA VAL A 199 -8.82 23.91 15.93
C VAL A 199 -8.71 22.85 17.01
N GLU A 200 -9.05 23.22 18.24
CA GLU A 200 -8.99 22.27 19.35
C GLU A 200 -10.32 21.58 19.54
N VAL A 201 -10.38 20.29 19.24
CA VAL A 201 -11.61 19.51 19.37
C VAL A 201 -11.60 18.66 20.65
N SER A 202 -12.45 19.01 21.61
CA SER A 202 -12.52 18.28 22.87
C SER A 202 -13.67 17.25 22.89
N LEU A 203 -13.32 15.96 22.91
CA LEU A 203 -14.32 14.92 22.93
C LEU A 203 -14.59 14.34 24.30
N ASN A 204 -15.77 14.64 24.85
CA ASN A 204 -16.19 14.18 26.16
C ASN A 204 -17.01 12.91 25.99
N PHE A 205 -16.38 11.77 26.26
CA PHE A 205 -17.06 10.48 26.10
C PHE A 205 -16.80 9.58 27.29
N ARG A 206 -17.67 8.60 27.45
CA ARG A 206 -17.56 7.63 28.54
C ARG A 206 -18.02 6.28 28.00
N LYS A 207 -17.77 5.21 28.75
CA LYS A 207 -18.20 3.90 28.31
C LYS A 207 -19.70 3.77 28.57
N LYS A 208 -20.40 3.08 27.67
CA LYS A 208 -21.85 2.89 27.81
C LYS A 208 -22.21 1.87 28.87
N GLY A 209 -23.35 2.08 29.51
CA GLY A 209 -23.80 1.19 30.55
C GLY A 209 -22.98 1.41 31.80
N ARG A 210 -22.94 2.66 32.26
CA ARG A 210 -22.18 3.04 33.46
C ARG A 210 -22.69 2.28 34.70
N SER A 211 -22.27 1.03 34.82
CA SER A 211 -22.66 0.15 35.91
C SER A 211 -22.33 0.73 37.29
N ALA B 4 7.99 42.01 -8.89
CA ALA B 4 7.22 41.31 -7.82
C ALA B 4 6.47 40.10 -8.38
N ALA B 5 6.86 38.90 -7.94
CA ALA B 5 6.22 37.67 -8.40
C ALA B 5 5.42 37.03 -7.27
N ASP B 6 4.44 36.20 -7.63
CA ASP B 6 3.59 35.52 -6.65
C ASP B 6 4.05 34.08 -6.38
N ARG B 7 3.32 33.40 -5.49
CA ARG B 7 3.64 32.04 -5.13
C ARG B 7 3.55 31.09 -6.33
N ALA B 8 2.55 31.33 -7.18
CA ALA B 8 2.35 30.53 -8.38
C ALA B 8 3.61 30.45 -9.24
N ASP B 9 4.29 31.59 -9.38
CA ASP B 9 5.52 31.66 -10.18
C ASP B 9 6.69 30.99 -9.44
N ILE B 10 6.83 31.31 -8.16
CA ILE B 10 7.89 30.74 -7.33
C ILE B 10 7.93 29.21 -7.50
N LEU B 11 6.75 28.59 -7.47
CA LEU B 11 6.67 27.13 -7.61
C LEU B 11 6.99 26.76 -9.04
N TYR B 12 6.55 27.62 -9.96
CA TYR B 12 6.79 27.38 -11.37
C TYR B 12 8.30 27.36 -11.67
N ASN B 13 9.01 28.40 -11.25
CA ASN B 13 10.46 28.48 -11.50
C ASN B 13 11.23 27.39 -10.77
N ILE B 14 10.69 26.94 -9.65
CA ILE B 14 11.33 25.89 -8.87
C ILE B 14 11.19 24.56 -9.62
N ARG B 15 9.99 24.26 -10.09
CA ARG B 15 9.74 23.02 -10.82
C ARG B 15 10.63 22.87 -12.05
N GLN B 16 11.31 23.95 -12.43
CA GLN B 16 12.20 23.90 -13.59
C GLN B 16 13.68 23.82 -13.25
N THR B 17 14.12 24.60 -12.27
CA THR B 17 15.52 24.62 -11.86
C THR B 17 15.83 23.53 -10.83
N SER B 18 14.81 22.78 -10.45
CA SER B 18 14.97 21.72 -9.46
C SER B 18 15.04 20.33 -10.10
N ARG B 19 15.80 19.47 -9.45
CA ARG B 19 15.99 18.11 -9.90
C ARG B 19 15.92 17.16 -8.71
N PRO B 20 14.74 16.59 -8.45
CA PRO B 20 14.53 15.67 -7.33
C PRO B 20 15.52 14.52 -7.20
N ASP B 21 16.23 14.18 -8.27
CA ASP B 21 17.17 13.07 -8.22
C ASP B 21 18.60 13.47 -8.45
N VAL B 22 18.87 14.75 -8.29
CA VAL B 22 20.23 15.25 -8.47
C VAL B 22 20.69 16.00 -7.23
N ILE B 23 21.65 15.44 -6.50
CA ILE B 23 22.12 16.09 -5.28
C ILE B 23 22.79 17.47 -5.54
N PRO B 24 22.25 18.55 -4.95
CA PRO B 24 22.82 19.89 -5.15
C PRO B 24 24.23 20.11 -4.61
N THR B 25 25.17 19.43 -5.23
CA THR B 25 26.54 19.54 -4.84
C THR B 25 27.14 20.79 -5.49
N GLN B 26 27.38 21.80 -4.65
CA GLN B 26 27.99 23.07 -5.06
C GLN B 26 29.48 22.81 -5.18
N ARG B 27 30.06 23.20 -6.31
CA ARG B 27 31.49 22.96 -6.54
C ARG B 27 31.69 21.47 -6.37
N ASP B 28 32.54 21.12 -5.43
CA ASP B 28 32.78 19.71 -5.21
C ASP B 28 32.73 19.41 -3.72
N ARG B 29 32.07 20.30 -2.98
CA ARG B 29 31.91 20.13 -1.54
C ARG B 29 30.63 19.33 -1.25
N PRO B 30 30.63 18.52 -0.17
CA PRO B 30 29.43 17.77 0.12
C PRO B 30 28.27 18.66 0.58
N VAL B 31 27.08 18.10 0.54
CA VAL B 31 25.90 18.85 0.96
C VAL B 31 25.80 18.72 2.47
N ALA B 32 25.69 19.86 3.15
CA ALA B 32 25.57 19.89 4.60
C ALA B 32 24.12 19.65 4.95
N VAL B 33 23.84 18.50 5.55
CA VAL B 33 22.49 18.16 5.97
C VAL B 33 22.40 18.11 7.48
N SER B 34 21.53 18.95 8.03
CA SER B 34 21.31 18.99 9.49
C SER B 34 20.15 18.06 9.84
N VAL B 35 20.35 17.15 10.80
CA VAL B 35 19.29 16.23 11.21
C VAL B 35 19.01 16.31 12.71
N SER B 36 17.76 16.58 13.07
CA SER B 36 17.40 16.69 14.47
C SER B 36 16.04 16.07 14.73
N LEU B 37 15.92 15.29 15.80
CA LEU B 37 14.64 14.65 16.12
C LEU B 37 14.03 15.22 17.38
N LYS B 38 12.70 15.34 17.37
CA LYS B 38 11.94 15.83 18.51
C LYS B 38 10.94 14.74 18.89
N PHE B 39 11.31 13.93 19.87
CA PHE B 39 10.46 12.83 20.28
C PHE B 39 9.09 13.32 20.74
N ILE B 40 8.06 12.77 20.11
CA ILE B 40 6.70 13.17 20.42
C ILE B 40 5.94 12.14 21.26
N ASN B 41 6.28 10.87 21.11
CA ASN B 41 5.61 9.84 21.88
C ASN B 41 6.36 8.53 21.76
N ILE B 42 6.16 7.66 22.74
CA ILE B 42 6.77 6.33 22.78
C ILE B 42 5.57 5.44 23.04
N LEU B 43 5.33 4.50 22.13
CA LEU B 43 4.16 3.65 22.23
C LEU B 43 4.40 2.20 22.61
N GLU B 44 4.65 1.34 21.63
CA GLU B 44 4.84 -0.07 21.90
C GLU B 44 6.28 -0.36 22.29
N VAL B 45 6.49 -0.79 23.53
CA VAL B 45 7.84 -1.10 24.01
C VAL B 45 7.89 -2.55 24.43
N ASN B 46 8.82 -3.31 23.89
CA ASN B 46 8.94 -4.73 24.25
C ASN B 46 10.36 -5.02 24.73
N GLU B 47 10.55 -5.01 26.05
CA GLU B 47 11.88 -5.25 26.62
C GLU B 47 12.40 -6.66 26.31
N ILE B 48 11.50 -7.57 25.98
CA ILE B 48 11.90 -8.94 25.66
C ILE B 48 12.59 -9.00 24.30
N THR B 49 11.94 -8.47 23.27
CA THR B 49 12.47 -8.49 21.91
C THR B 49 13.40 -7.33 21.61
N ASN B 50 13.39 -6.34 22.51
CA ASN B 50 14.21 -5.15 22.36
C ASN B 50 13.77 -4.32 21.17
N GLU B 51 12.48 -4.06 21.09
CA GLU B 51 11.95 -3.25 20.02
C GLU B 51 11.09 -2.14 20.60
N VAL B 52 11.10 -0.99 19.94
CA VAL B 52 10.30 0.13 20.40
C VAL B 52 9.68 0.88 19.23
N ASP B 53 8.47 1.34 19.46
CA ASP B 53 7.70 2.08 18.48
C ASP B 53 7.74 3.54 18.91
N VAL B 54 8.29 4.40 18.07
CA VAL B 54 8.41 5.80 18.43
C VAL B 54 7.75 6.73 17.41
N VAL B 55 7.38 7.92 17.89
CA VAL B 55 6.80 8.95 17.00
C VAL B 55 7.65 10.18 17.25
N PHE B 56 8.22 10.74 16.20
CA PHE B 56 9.07 11.92 16.36
C PHE B 56 9.00 12.82 15.13
N TRP B 57 9.38 14.08 15.32
CA TRP B 57 9.41 15.03 14.23
C TRP B 57 10.87 15.07 13.82
N GLN B 58 11.13 14.66 12.57
CA GLN B 58 12.49 14.64 12.07
C GLN B 58 12.77 15.96 11.35
N ARG B 59 13.37 16.91 12.07
CA ARG B 59 13.70 18.21 11.50
C ARG B 59 14.93 18.05 10.60
N THR B 60 14.72 18.27 9.31
CA THR B 60 15.80 18.13 8.34
C THR B 60 16.04 19.46 7.62
N THR B 61 17.30 19.86 7.55
CA THR B 61 17.64 21.12 6.91
C THR B 61 18.86 21.03 6.01
N TRP B 62 18.73 21.55 4.80
CA TRP B 62 19.85 21.55 3.86
C TRP B 62 19.66 22.70 2.90
N SER B 63 20.68 22.96 2.07
CA SER B 63 20.57 24.07 1.13
C SER B 63 20.70 23.67 -0.33
N ASP B 64 19.91 24.32 -1.18
CA ASP B 64 19.95 24.06 -2.62
C ASP B 64 19.85 25.43 -3.29
N ARG B 65 21.00 26.05 -3.51
CA ARG B 65 21.08 27.38 -4.14
C ARG B 65 20.21 27.53 -5.38
N THR B 66 20.29 26.54 -6.27
CA THR B 66 19.53 26.56 -7.53
C THR B 66 18.09 27.04 -7.36
N LEU B 67 17.49 26.69 -6.23
CA LEU B 67 16.11 27.06 -5.92
C LEU B 67 15.92 28.54 -5.59
N ALA B 68 16.97 29.17 -5.07
CA ALA B 68 16.90 30.58 -4.69
C ALA B 68 16.19 31.51 -5.69
N TRP B 69 15.67 32.63 -5.16
CA TRP B 69 15.00 33.64 -5.98
C TRP B 69 14.92 34.98 -5.24
N ASP B 70 14.61 36.06 -5.96
CA ASP B 70 14.52 37.38 -5.34
C ASP B 70 13.19 37.55 -4.62
N SER B 71 13.24 37.79 -3.32
CA SER B 71 12.02 37.96 -2.53
C SER B 71 11.88 39.38 -1.98
N SER B 72 12.70 40.31 -2.50
CA SER B 72 12.64 41.69 -2.05
C SER B 72 11.24 42.23 -2.26
N HIS B 73 10.55 41.69 -3.27
CA HIS B 73 9.19 42.10 -3.58
C HIS B 73 8.32 40.88 -3.86
N SER B 74 8.71 39.73 -3.33
CA SER B 74 7.96 38.48 -3.51
C SER B 74 8.04 37.62 -2.25
N PRO B 75 7.19 36.59 -2.15
CA PRO B 75 7.21 35.71 -0.98
C PRO B 75 8.58 35.03 -0.83
N ASP B 76 9.17 35.10 0.35
CA ASP B 76 10.49 34.49 0.54
C ASP B 76 10.44 33.04 1.06
N GLN B 77 9.24 32.49 1.17
CA GLN B 77 9.02 31.11 1.60
C GLN B 77 7.72 30.54 1.06
N VAL B 78 7.78 29.30 0.59
CA VAL B 78 6.61 28.61 0.07
C VAL B 78 6.68 27.15 0.46
N SER B 79 5.54 26.48 0.41
CA SER B 79 5.47 25.06 0.73
C SER B 79 5.50 24.30 -0.57
N VAL B 80 6.45 23.38 -0.72
CA VAL B 80 6.59 22.60 -1.95
C VAL B 80 6.58 21.09 -1.70
N PRO B 81 5.85 20.31 -2.54
CA PRO B 81 5.79 18.84 -2.37
C PRO B 81 7.22 18.29 -2.46
N ILE B 82 7.64 17.46 -1.52
CA ILE B 82 9.00 16.94 -1.58
C ILE B 82 9.39 16.30 -2.92
N SER B 83 8.40 15.77 -3.64
CA SER B 83 8.63 15.16 -4.95
C SER B 83 9.00 16.18 -6.05
N SER B 84 8.91 17.47 -5.75
CA SER B 84 9.28 18.49 -6.71
C SER B 84 10.69 18.96 -6.38
N LEU B 85 11.21 18.46 -5.27
CA LEU B 85 12.55 18.81 -4.81
C LEU B 85 13.46 17.62 -4.63
N TRP B 86 14.73 17.88 -4.36
CA TRP B 86 15.64 16.79 -4.08
C TRP B 86 15.59 16.73 -2.56
N VAL B 87 15.63 15.52 -2.01
CA VAL B 87 15.59 15.32 -0.56
C VAL B 87 16.68 14.31 -0.21
N PRO B 88 17.28 14.41 0.99
CA PRO B 88 18.34 13.46 1.41
C PRO B 88 17.79 12.05 1.58
N ASP B 89 18.52 11.07 1.06
CA ASP B 89 18.09 9.70 1.17
C ASP B 89 18.42 9.19 2.57
N LEU B 90 18.03 9.93 3.61
CA LEU B 90 18.29 9.54 5.00
C LEU B 90 17.58 8.24 5.37
N ALA B 91 18.20 7.44 6.24
CA ALA B 91 17.61 6.19 6.68
C ALA B 91 18.01 5.92 8.13
N ALA B 92 17.22 5.10 8.82
CA ALA B 92 17.51 4.74 10.20
C ALA B 92 18.07 3.31 10.13
N TYR B 93 19.37 3.19 10.31
CA TYR B 93 20.07 1.90 10.21
C TYR B 93 19.48 0.78 11.07
N ASN B 94 19.08 1.11 12.29
CA ASN B 94 18.55 0.10 13.18
C ASN B 94 17.04 0.06 13.21
N ALA B 95 16.44 0.49 12.10
CA ALA B 95 14.98 0.49 12.00
C ALA B 95 14.52 -0.88 11.51
N ILE B 96 13.43 -1.38 12.07
CA ILE B 96 12.94 -2.68 11.60
C ILE B 96 11.62 -2.57 10.90
N SER B 97 11.18 -1.34 10.64
CA SER B 97 9.95 -1.08 9.93
C SER B 97 10.23 0.17 9.15
N LYS B 98 9.58 0.33 8.01
CA LYS B 98 9.79 1.52 7.22
C LYS B 98 9.08 2.70 7.84
N PRO B 99 9.66 3.89 7.70
CA PRO B 99 9.05 5.10 8.28
C PRO B 99 7.60 5.33 7.84
N GLU B 100 6.72 5.52 8.81
CA GLU B 100 5.31 5.81 8.51
C GLU B 100 5.18 7.34 8.65
N VAL B 101 5.25 8.06 7.53
CA VAL B 101 5.13 9.51 7.59
C VAL B 101 3.65 9.83 7.85
N LEU B 102 3.36 10.50 8.96
CA LEU B 102 1.98 10.84 9.33
C LEU B 102 1.48 12.19 8.81
N THR B 103 2.38 13.13 8.55
CA THR B 103 1.99 14.45 8.09
C THR B 103 2.11 14.64 6.58
N PRO B 104 1.63 15.79 6.07
CA PRO B 104 1.72 16.06 4.63
C PRO B 104 3.19 16.14 4.26
N GLN B 105 3.53 15.63 3.08
CA GLN B 105 4.92 15.63 2.66
C GLN B 105 5.30 16.85 1.85
N LEU B 106 5.27 17.98 2.54
CA LEU B 106 5.60 19.28 2.00
C LEU B 106 6.82 19.77 2.75
N ALA B 107 7.68 20.47 2.02
CA ALA B 107 8.88 21.05 2.58
C ALA B 107 8.71 22.56 2.48
N ARG B 108 9.53 23.27 3.24
CA ARG B 108 9.53 24.72 3.27
C ARG B 108 10.78 25.16 2.50
N VAL B 109 10.62 26.06 1.54
CA VAL B 109 11.76 26.57 0.77
C VAL B 109 11.88 28.08 0.92
N VAL B 110 13.10 28.56 1.19
CA VAL B 110 13.34 29.99 1.34
C VAL B 110 14.08 30.51 0.11
N SER B 111 13.78 31.75 -0.28
CA SER B 111 14.38 32.38 -1.45
C SER B 111 15.91 32.32 -1.54
N ASP B 112 16.56 31.97 -0.44
CA ASP B 112 18.02 31.87 -0.42
C ASP B 112 18.44 30.43 -0.72
N GLY B 113 17.47 29.56 -0.95
CA GLY B 113 17.79 28.17 -1.25
C GLY B 113 17.70 27.20 -0.09
N GLU B 114 17.53 27.71 1.13
CA GLU B 114 17.43 26.86 2.31
C GLU B 114 16.17 26.00 2.25
N VAL B 115 16.34 24.72 2.57
CA VAL B 115 15.24 23.78 2.56
C VAL B 115 15.02 23.17 3.92
N LEU B 116 13.75 23.12 4.33
CA LEU B 116 13.36 22.55 5.61
C LEU B 116 12.26 21.52 5.39
N TYR B 117 12.43 20.34 5.98
CA TYR B 117 11.44 19.30 5.85
C TYR B 117 11.35 18.69 7.25
N MET B 118 10.16 18.72 7.82
CA MET B 118 9.94 18.20 9.17
C MET B 118 8.74 17.27 9.30
N PRO B 119 8.86 16.06 8.77
CA PRO B 119 7.75 15.12 8.85
C PRO B 119 7.61 14.49 10.22
N SER B 120 6.39 14.13 10.56
CA SER B 120 6.15 13.45 11.81
C SER B 120 6.20 11.99 11.41
N ILE B 121 7.11 11.25 12.01
CA ILE B 121 7.31 9.85 11.68
C ILE B 121 7.02 8.87 12.82
N ARG B 122 6.38 7.76 12.46
CA ARG B 122 6.05 6.65 13.37
C ARG B 122 6.94 5.54 12.83
N GLN B 123 7.83 4.99 13.66
CA GLN B 123 8.70 3.91 13.17
C GLN B 123 9.10 2.98 14.29
N ARG B 124 9.40 1.73 13.95
CA ARG B 124 9.81 0.77 14.99
C ARG B 124 11.31 0.58 14.93
N PHE B 125 11.95 0.46 16.08
CA PHE B 125 13.40 0.27 16.12
C PHE B 125 13.83 -0.93 16.91
N SER B 126 15.06 -1.37 16.62
CA SER B 126 15.69 -2.48 17.32
C SER B 126 16.80 -1.82 18.11
N CYS B 127 16.60 -1.67 19.41
CA CYS B 127 17.61 -1.05 20.27
C CYS B 127 17.59 -1.64 21.68
N ASP B 128 18.41 -1.09 22.58
CA ASP B 128 18.46 -1.58 23.95
C ASP B 128 17.27 -1.04 24.75
N VAL B 129 16.36 -1.93 25.10
CA VAL B 129 15.17 -1.56 25.85
C VAL B 129 15.28 -2.01 27.32
N SER B 130 16.39 -2.65 27.66
CA SER B 130 16.60 -3.14 29.01
C SER B 130 16.73 -1.99 30.01
N GLY B 131 15.98 -2.08 31.12
CA GLY B 131 16.03 -1.05 32.13
C GLY B 131 14.91 -0.04 31.96
N VAL B 132 14.02 -0.29 31.00
CA VAL B 132 12.92 0.61 30.76
C VAL B 132 12.04 0.72 32.01
N ASP B 133 11.95 -0.37 32.75
CA ASP B 133 11.18 -0.43 33.99
C ASP B 133 12.13 -0.40 35.21
N THR B 134 13.09 0.53 35.20
CA THR B 134 14.01 0.72 36.31
C THR B 134 14.20 2.22 36.44
N GLU B 135 14.80 2.66 37.55
CA GLU B 135 15.02 4.08 37.82
C GLU B 135 15.93 4.77 36.80
N SER B 136 17.07 4.14 36.48
CA SER B 136 18.02 4.71 35.52
C SER B 136 17.37 4.74 34.14
N GLY B 137 16.47 3.79 33.91
CA GLY B 137 15.77 3.72 32.64
C GLY B 137 16.56 3.02 31.56
N ALA B 138 16.04 3.04 30.34
CA ALA B 138 16.72 2.40 29.23
C ALA B 138 17.19 3.47 28.25
N THR B 139 18.17 3.12 27.41
CA THR B 139 18.67 4.07 26.44
C THR B 139 18.69 3.47 25.05
N CYS B 140 17.76 3.93 24.22
CA CYS B 140 17.61 3.49 22.83
C CYS B 140 18.36 4.41 21.89
N ARG B 141 19.28 3.83 21.12
CA ARG B 141 20.09 4.58 20.15
C ARG B 141 19.56 4.45 18.73
N ILE B 142 19.29 5.59 18.10
CA ILE B 142 18.77 5.65 16.73
C ILE B 142 19.86 6.20 15.81
N LYS B 143 20.26 5.45 14.79
CA LYS B 143 21.27 5.97 13.87
C LYS B 143 20.63 6.28 12.52
N ILE B 144 20.67 7.57 12.16
CA ILE B 144 20.10 8.08 10.92
C ILE B 144 21.18 8.73 10.07
N GLY B 145 21.18 8.43 8.78
CA GLY B 145 22.16 9.04 7.89
C GLY B 145 21.81 8.68 6.48
N SER B 146 22.54 9.27 5.52
CA SER B 146 22.30 8.98 4.12
C SER B 146 22.56 7.52 3.90
N TRP B 147 21.90 6.95 2.91
CA TRP B 147 22.05 5.54 2.62
C TRP B 147 23.03 5.16 1.52
N THR B 148 23.15 6.03 0.52
CA THR B 148 24.01 5.82 -0.65
C THR B 148 25.01 6.97 -0.88
N HIS B 149 24.88 8.05 -0.13
CA HIS B 149 25.78 9.20 -0.26
C HIS B 149 26.77 9.23 0.88
N HIS B 150 28.05 8.99 0.57
CA HIS B 150 29.08 9.01 1.58
C HIS B 150 29.45 10.45 1.97
N SER B 151 30.34 10.55 2.96
CA SER B 151 30.81 11.83 3.52
C SER B 151 31.20 12.93 2.53
N ARG B 152 31.75 12.55 1.38
CA ARG B 152 32.13 13.55 0.41
C ARG B 152 30.90 14.09 -0.34
N GLU B 153 29.79 13.36 -0.28
CA GLU B 153 28.56 13.80 -0.93
C GLU B 153 27.58 14.41 0.07
N ILE B 154 27.44 13.77 1.23
CA ILE B 154 26.56 14.29 2.28
C ILE B 154 27.16 14.25 3.68
N SER B 155 27.08 15.37 4.38
CA SER B 155 27.61 15.41 5.75
C SER B 155 26.51 15.77 6.72
N VAL B 156 26.06 14.78 7.49
CA VAL B 156 25.01 15.02 8.46
C VAL B 156 25.55 15.49 9.80
N ASP B 157 25.00 16.59 10.31
CA ASP B 157 25.40 17.11 11.60
C ASP B 157 24.15 17.49 12.40
N PRO B 158 24.07 17.00 13.66
CA PRO B 158 22.92 17.29 14.52
C PRO B 158 22.98 18.73 15.05
N THR B 159 21.84 19.41 15.08
CA THR B 159 21.77 20.78 15.57
C THR B 159 21.76 20.76 17.10
N THR B 160 22.87 20.30 17.68
CA THR B 160 23.01 20.22 19.13
C THR B 160 22.86 21.59 19.79
N GLU B 161 21.72 21.78 20.44
CA GLU B 161 21.41 23.03 21.11
C GLU B 161 20.51 22.77 22.30
N ASN B 162 21.04 23.03 23.49
CA ASN B 162 20.32 22.82 24.75
C ASN B 162 18.84 23.21 24.66
N SER B 163 18.01 22.21 24.35
CA SER B 163 16.57 22.40 24.24
C SER B 163 15.86 21.43 25.16
N ASP B 164 14.55 21.62 25.33
CA ASP B 164 13.76 20.74 26.19
C ASP B 164 13.46 19.46 25.42
N ASP B 165 14.04 18.35 25.86
CA ASP B 165 13.86 17.06 25.19
C ASP B 165 12.39 16.63 25.14
N SER B 166 11.72 16.68 26.30
CA SER B 166 10.32 16.31 26.39
C SER B 166 9.43 17.54 26.14
N GLU B 167 9.97 18.53 25.44
CA GLU B 167 9.23 19.74 25.15
C GLU B 167 7.95 19.48 24.37
N TYR B 168 8.01 18.58 23.39
CA TYR B 168 6.85 18.25 22.56
C TYR B 168 6.35 16.83 22.80
N PHE B 169 6.88 16.20 23.85
CA PHE B 169 6.52 14.83 24.22
C PHE B 169 5.12 14.77 24.83
N SER B 170 4.36 13.77 24.40
CA SER B 170 3.00 13.63 24.91
C SER B 170 2.98 13.33 26.40
N GLN B 171 2.25 14.15 27.13
CA GLN B 171 2.15 13.99 28.58
C GLN B 171 1.34 12.74 28.95
N TYR B 172 0.63 12.22 27.96
CA TYR B 172 -0.23 11.06 28.15
C TYR B 172 0.50 9.76 27.84
N SER B 173 1.79 9.87 27.55
CA SER B 173 2.57 8.68 27.26
C SER B 173 2.78 7.88 28.55
N ARG B 174 2.98 6.58 28.38
CA ARG B 174 3.22 5.68 29.48
C ARG B 174 4.66 5.85 29.96
N PHE B 175 5.50 6.43 29.12
CA PHE B 175 6.89 6.62 29.46
C PHE B 175 7.26 8.10 29.60
N GLU B 176 8.34 8.39 30.31
CA GLU B 176 8.79 9.76 30.45
C GLU B 176 10.22 9.83 29.94
N ILE B 177 10.58 10.95 29.31
CA ILE B 177 11.92 11.12 28.77
C ILE B 177 12.90 11.54 29.85
N LEU B 178 13.88 10.69 30.13
CA LEU B 178 14.90 11.02 31.14
C LEU B 178 15.94 11.95 30.52
N ASP B 179 16.27 11.72 29.26
CA ASP B 179 17.27 12.55 28.58
C ASP B 179 17.45 12.15 27.11
N VAL B 180 17.88 13.09 26.27
CA VAL B 180 18.08 12.84 24.85
C VAL B 180 19.33 13.54 24.32
N THR B 181 20.36 12.77 23.95
CA THR B 181 21.58 13.37 23.42
C THR B 181 21.79 12.92 21.98
N GLN B 182 22.12 13.89 21.14
CA GLN B 182 22.34 13.63 19.72
C GLN B 182 23.79 13.90 19.33
N LYS B 183 24.53 12.83 19.06
CA LYS B 183 25.95 12.93 18.69
C LYS B 183 26.21 12.55 17.23
N LYS B 184 27.09 13.30 16.56
CA LYS B 184 27.43 13.02 15.17
C LYS B 184 28.39 11.84 15.11
N ASN B 185 28.28 11.01 14.09
CA ASN B 185 29.19 9.88 13.99
C ASN B 185 29.51 9.55 12.53
N SER B 186 30.38 8.59 12.32
CA SER B 186 30.75 8.22 10.95
C SER B 186 30.94 6.73 10.86
N VAL B 187 30.52 6.13 9.75
CA VAL B 187 30.63 4.69 9.57
C VAL B 187 31.29 4.31 8.24
N THR B 188 32.34 3.50 8.30
CA THR B 188 33.02 3.06 7.09
C THR B 188 32.81 1.55 7.00
N TYR B 189 33.05 0.96 5.83
CA TYR B 189 32.84 -0.47 5.69
C TYR B 189 34.05 -1.17 5.08
N SER B 190 34.43 -2.29 5.67
CA SER B 190 35.55 -3.07 5.17
C SER B 190 35.17 -3.68 3.84
N CYS B 191 35.45 -2.96 2.77
CA CYS B 191 35.13 -3.44 1.43
C CYS B 191 35.36 -2.27 0.58
N CYS B 192 35.03 -1.14 1.18
CA CYS B 192 35.05 0.07 0.47
C CYS B 192 35.70 1.18 1.27
N PRO B 193 36.39 2.12 0.59
CA PRO B 193 37.06 3.23 1.26
C PRO B 193 36.17 4.30 1.87
N GLU B 194 35.18 4.75 1.12
CA GLU B 194 34.30 5.82 1.60
C GLU B 194 33.58 5.52 2.92
N ALA B 195 33.34 6.58 3.67
CA ALA B 195 32.67 6.50 4.96
C ALA B 195 31.34 7.25 4.89
N TYR B 196 30.37 6.80 5.66
CA TYR B 196 29.07 7.46 5.66
C TYR B 196 28.78 8.11 6.98
N GLU B 197 28.55 9.42 6.95
CA GLU B 197 28.25 10.16 8.17
C GLU B 197 26.85 9.84 8.67
N ASP B 198 26.64 9.96 9.97
CA ASP B 198 25.32 9.69 10.56
C ASP B 198 25.16 10.41 11.90
N VAL B 199 23.92 10.51 12.37
CA VAL B 199 23.66 11.14 13.63
C VAL B 199 23.14 10.05 14.55
N GLU B 200 23.75 9.94 15.73
CA GLU B 200 23.36 8.95 16.71
C GLU B 200 22.55 9.63 17.79
N VAL B 201 21.25 9.35 17.83
CA VAL B 201 20.38 9.96 18.82
C VAL B 201 20.13 8.94 19.93
N SER B 202 20.51 9.31 21.16
CA SER B 202 20.34 8.44 22.31
C SER B 202 19.15 8.89 23.13
N LEU B 203 18.15 8.02 23.15
CA LEU B 203 16.93 8.29 23.86
C LEU B 203 16.89 7.51 25.16
N ASN B 204 16.95 8.24 26.27
CA ASN B 204 16.90 7.61 27.58
C ASN B 204 15.52 7.87 28.18
N PHE B 205 14.79 6.80 28.44
CA PHE B 205 13.45 6.94 29.00
C PHE B 205 13.13 5.83 29.96
N ARG B 206 12.07 6.05 30.73
CA ARG B 206 11.64 5.04 31.70
C ARG B 206 10.12 5.04 31.81
N LYS B 207 9.58 4.06 32.54
CA LYS B 207 8.15 3.98 32.73
C LYS B 207 7.82 5.00 33.79
N LYS B 208 6.60 5.54 33.74
CA LYS B 208 6.15 6.52 34.71
C LYS B 208 5.42 5.84 35.85
N GLY B 209 5.30 6.51 37.00
CA GLY B 209 4.59 5.92 38.12
C GLY B 209 5.19 4.67 38.76
N ARG B 210 6.53 4.59 38.79
CA ARG B 210 7.21 3.45 39.39
C ARG B 210 7.32 3.63 40.92
N SER B 211 7.10 2.56 41.67
CA SER B 211 7.16 2.57 43.15
C SER B 211 8.53 3.04 43.66
N GLU B 212 8.53 3.62 44.87
CA GLU B 212 9.77 4.12 45.47
C GLU B 212 10.21 3.32 46.68
N ALA C 4 33.80 19.28 -18.94
CA ALA C 4 33.47 18.34 -17.84
C ALA C 4 32.00 17.89 -17.95
N ALA C 5 31.44 17.36 -16.86
CA ALA C 5 30.07 16.90 -16.84
C ALA C 5 29.63 16.72 -15.40
N ASP C 6 28.83 17.66 -14.92
CA ASP C 6 28.35 17.62 -13.54
C ASP C 6 27.45 16.42 -13.31
N ARG C 7 27.05 16.19 -12.06
CA ARG C 7 26.21 15.05 -11.72
CA ARG C 7 26.20 15.05 -11.72
C ARG C 7 24.90 15.06 -12.52
N ALA C 8 24.33 16.23 -12.77
CA ALA C 8 23.10 16.31 -13.51
C ALA C 8 23.21 15.76 -14.94
N ASP C 9 24.33 16.03 -15.60
CA ASP C 9 24.56 15.55 -16.98
C ASP C 9 24.63 14.03 -16.98
N ILE C 10 25.35 13.46 -16.02
CA ILE C 10 25.46 12.03 -15.93
C ILE C 10 24.08 11.41 -15.71
N LEU C 11 23.40 11.84 -14.65
CA LEU C 11 22.08 11.33 -14.31
C LEU C 11 21.11 11.50 -15.48
N TYR C 12 21.24 12.60 -16.22
CA TYR C 12 20.39 12.82 -17.38
C TYR C 12 20.70 11.80 -18.46
N ASN C 13 21.97 11.45 -18.59
CA ASN C 13 22.36 10.47 -19.59
C ASN C 13 21.87 9.08 -19.24
N ILE C 14 22.03 8.70 -17.97
CA ILE C 14 21.62 7.39 -17.50
C ILE C 14 20.11 7.23 -17.72
N ARG C 15 19.36 8.26 -17.36
CA ARG C 15 17.92 8.26 -17.54
C ARG C 15 17.62 8.11 -19.03
N GLN C 16 18.45 8.72 -19.86
CA GLN C 16 18.26 8.68 -21.31
CA GLN C 16 18.29 8.69 -21.30
C GLN C 16 18.59 7.35 -21.99
N THR C 17 19.62 6.64 -21.53
CA THR C 17 20.01 5.38 -22.16
C THR C 17 19.53 4.13 -21.42
N SER C 18 19.10 4.27 -20.18
CA SER C 18 18.66 3.12 -19.41
C SER C 18 17.46 2.39 -19.96
N ARG C 19 17.56 1.06 -20.02
CA ARG C 19 16.45 0.25 -20.48
C ARG C 19 16.08 -0.67 -19.30
N PRO C 20 15.25 -0.17 -18.39
CA PRO C 20 14.84 -0.96 -17.23
C PRO C 20 14.23 -2.33 -17.55
N ASP C 21 13.57 -2.48 -18.70
CA ASP C 21 12.97 -3.79 -19.02
C ASP C 21 13.80 -4.72 -19.93
N VAL C 22 15.07 -4.41 -20.17
CA VAL C 22 15.91 -5.24 -21.01
C VAL C 22 17.17 -5.65 -20.25
N ILE C 23 17.53 -6.93 -20.32
CA ILE C 23 18.70 -7.43 -19.62
C ILE C 23 19.99 -7.05 -20.35
N PRO C 24 20.91 -6.33 -19.68
CA PRO C 24 22.18 -5.90 -20.28
C PRO C 24 23.17 -7.04 -20.54
N THR C 25 22.85 -7.86 -21.53
CA THR C 25 23.67 -9.01 -21.91
C THR C 25 24.77 -8.73 -22.93
N GLN C 26 26.02 -8.74 -22.47
CA GLN C 26 27.18 -8.53 -23.34
C GLN C 26 27.29 -9.78 -24.23
N ARG C 27 27.08 -9.64 -25.55
CA ARG C 27 27.12 -10.79 -26.47
C ARG C 27 25.99 -11.72 -26.04
N ASP C 28 26.29 -13.01 -25.91
CA ASP C 28 25.27 -13.89 -25.39
C ASP C 28 25.83 -14.50 -24.12
N ARG C 29 26.62 -13.68 -23.44
CA ARG C 29 27.20 -14.05 -22.16
C ARG C 29 26.08 -13.71 -21.17
N PRO C 30 25.79 -14.59 -20.22
CA PRO C 30 24.72 -14.11 -19.35
C PRO C 30 25.26 -12.94 -18.50
N VAL C 31 24.36 -12.31 -17.78
CA VAL C 31 24.72 -11.19 -16.90
C VAL C 31 25.22 -11.75 -15.57
N ALA C 32 26.41 -11.31 -15.17
CA ALA C 32 27.05 -11.75 -13.94
C ALA C 32 26.57 -10.95 -12.75
N VAL C 33 25.58 -11.50 -12.05
CA VAL C 33 25.04 -10.83 -10.87
C VAL C 33 25.61 -11.47 -9.60
N SER C 34 26.14 -10.64 -8.70
CA SER C 34 26.66 -11.14 -7.44
C SER C 34 25.76 -10.63 -6.31
N VAL C 35 25.44 -11.52 -5.38
CA VAL C 35 24.59 -11.18 -4.24
C VAL C 35 25.14 -11.73 -2.94
N SER C 36 25.13 -10.91 -1.91
CA SER C 36 25.64 -11.29 -0.61
C SER C 36 24.71 -10.74 0.45
N LEU C 37 24.28 -11.59 1.38
CA LEU C 37 23.38 -11.15 2.44
C LEU C 37 24.15 -10.83 3.71
N LYS C 38 23.81 -9.70 4.32
CA LYS C 38 24.41 -9.26 5.57
C LYS C 38 23.34 -9.19 6.64
N PHE C 39 23.12 -10.32 7.32
CA PHE C 39 22.10 -10.41 8.37
C PHE C 39 22.25 -9.33 9.45
N ILE C 40 21.25 -8.47 9.54
CA ILE C 40 21.23 -7.38 10.50
C ILE C 40 20.45 -7.73 11.77
N ASN C 41 19.45 -8.59 11.65
CA ASN C 41 18.68 -8.95 12.84
C ASN C 41 17.79 -10.16 12.57
N ILE C 42 17.32 -10.76 13.65
CA ILE C 42 16.42 -11.90 13.59
C ILE C 42 15.36 -11.52 14.59
N LEU C 43 14.14 -11.23 14.10
CA LEU C 43 13.05 -10.78 14.96
C LEU C 43 12.04 -11.81 15.44
N GLU C 44 11.36 -12.46 14.52
CA GLU C 44 10.37 -13.44 14.92
C GLU C 44 10.94 -14.81 14.60
N VAL C 45 10.73 -15.75 15.50
CA VAL C 45 11.20 -17.11 15.30
C VAL C 45 10.18 -18.05 15.91
N ASN C 46 9.77 -19.05 15.13
CA ASN C 46 8.78 -20.03 15.55
C ASN C 46 9.29 -21.42 15.20
N GLU C 47 9.60 -22.22 16.21
CA GLU C 47 10.12 -23.55 15.95
C GLU C 47 9.01 -24.53 15.59
N ILE C 48 7.79 -24.18 15.92
CA ILE C 48 6.68 -25.06 15.63
C ILE C 48 6.31 -24.95 14.14
N THR C 49 6.15 -23.72 13.64
CA THR C 49 5.80 -23.50 12.24
C THR C 49 7.01 -23.43 11.30
N ASN C 50 8.22 -23.44 11.85
CA ASN C 50 9.44 -23.35 11.05
C ASN C 50 9.38 -22.08 10.21
N GLU C 51 9.25 -20.94 10.89
CA GLU C 51 9.17 -19.65 10.24
C GLU C 51 10.00 -18.60 10.96
N VAL C 52 10.75 -17.80 10.20
CA VAL C 52 11.56 -16.78 10.81
C VAL C 52 11.37 -15.45 10.08
N ASP C 53 11.58 -14.38 10.83
CA ASP C 53 11.45 -13.03 10.32
C ASP C 53 12.86 -12.48 10.52
N VAL C 54 13.52 -12.14 9.40
CA VAL C 54 14.91 -11.65 9.40
C VAL C 54 15.08 -10.31 8.68
N VAL C 55 16.09 -9.53 9.09
CA VAL C 55 16.37 -8.27 8.43
C VAL C 55 17.80 -8.41 7.89
N PHE C 56 17.98 -8.26 6.58
CA PHE C 56 19.32 -8.38 5.98
C PHE C 56 19.58 -7.36 4.87
N TRP C 57 20.86 -7.00 4.68
CA TRP C 57 21.25 -6.09 3.61
C TRP C 57 21.55 -6.98 2.42
N GLN C 58 20.74 -6.93 1.38
CA GLN C 58 20.97 -7.78 0.21
C GLN C 58 21.82 -7.04 -0.80
N ARG C 59 23.14 -7.13 -0.65
CA ARG C 59 24.08 -6.47 -1.55
C ARG C 59 24.08 -7.14 -2.91
N THR C 60 23.61 -6.42 -3.91
CA THR C 60 23.51 -6.94 -5.27
C THR C 60 24.33 -6.08 -6.21
N THR C 61 25.12 -6.71 -7.07
CA THR C 61 25.94 -5.98 -8.02
C THR C 61 25.99 -6.64 -9.40
N TRP C 62 26.05 -5.79 -10.43
CA TRP C 62 26.11 -6.24 -11.82
C TRP C 62 26.66 -5.10 -12.66
N SER C 63 26.74 -5.29 -13.97
CA SER C 63 27.24 -4.23 -14.82
C SER C 63 26.30 -3.98 -16.00
N ASP C 64 26.25 -2.72 -16.42
CA ASP C 64 25.45 -2.27 -17.56
C ASP C 64 26.36 -1.31 -18.34
N ARG C 65 27.16 -1.86 -19.25
CA ARG C 65 28.11 -1.08 -20.05
C ARG C 65 27.55 0.18 -20.71
N THR C 66 26.29 0.13 -21.12
CA THR C 66 25.64 1.25 -21.78
C THR C 66 25.50 2.46 -20.87
N LEU C 67 25.68 2.28 -19.57
CA LEU C 67 25.56 3.40 -18.64
C LEU C 67 26.88 4.12 -18.44
N ALA C 68 27.99 3.40 -18.61
CA ALA C 68 29.34 3.93 -18.44
C ALA C 68 29.56 5.30 -19.08
N TRP C 69 30.46 6.09 -18.51
CA TRP C 69 30.76 7.41 -19.04
C TRP C 69 32.18 7.79 -18.63
N ASP C 70 32.76 8.78 -19.30
CA ASP C 70 34.12 9.22 -18.98
C ASP C 70 34.15 10.12 -17.74
N SER C 71 34.83 9.67 -16.69
CA SER C 71 34.93 10.45 -15.45
C SER C 71 36.31 11.02 -15.20
N SER C 72 37.07 11.28 -16.26
CA SER C 72 38.41 11.83 -16.12
C SER C 72 38.35 13.15 -15.36
N HIS C 73 37.32 13.94 -15.63
CA HIS C 73 37.17 15.23 -14.96
C HIS C 73 35.70 15.44 -14.57
N SER C 74 35.09 14.38 -14.06
CA SER C 74 33.69 14.44 -13.66
C SER C 74 33.43 13.35 -12.63
N PRO C 75 32.26 13.38 -11.99
CA PRO C 75 31.92 12.37 -10.99
C PRO C 75 31.95 10.96 -11.57
N ASP C 76 32.50 10.01 -10.83
CA ASP C 76 32.59 8.63 -11.32
C ASP C 76 31.53 7.72 -10.73
N GLN C 77 30.74 8.26 -9.80
CA GLN C 77 29.65 7.54 -9.15
C GLN C 77 28.55 8.49 -8.75
N VAL C 78 27.31 8.02 -8.88
CA VAL C 78 26.14 8.81 -8.53
C VAL C 78 25.07 7.87 -8.01
N SER C 79 24.12 8.40 -7.26
CA SER C 79 23.03 7.58 -6.75
C SER C 79 21.90 7.68 -7.76
N VAL C 80 21.32 6.54 -8.10
CA VAL C 80 20.23 6.54 -9.07
C VAL C 80 19.04 5.71 -8.56
N PRO C 81 17.81 6.15 -8.90
CA PRO C 81 16.64 5.39 -8.45
C PRO C 81 16.58 4.07 -9.21
N ILE C 82 16.40 2.95 -8.51
CA ILE C 82 16.34 1.70 -9.22
C ILE C 82 15.18 1.67 -10.20
N SER C 83 14.23 2.60 -10.06
CA SER C 83 13.12 2.60 -11.00
C SER C 83 13.60 3.03 -12.39
N SER C 84 14.75 3.73 -12.46
CA SER C 84 15.31 4.18 -13.72
C SER C 84 16.32 3.19 -14.30
N LEU C 85 16.45 2.02 -13.68
CA LEU C 85 17.42 1.04 -14.13
C LEU C 85 16.83 -0.38 -14.25
N TRP C 86 17.57 -1.27 -14.93
CA TRP C 86 17.15 -2.67 -15.06
C TRP C 86 17.67 -3.27 -13.75
N VAL C 87 16.93 -4.21 -13.17
CA VAL C 87 17.36 -4.82 -11.94
C VAL C 87 17.14 -6.32 -12.04
N PRO C 88 18.06 -7.12 -11.49
CA PRO C 88 17.95 -8.59 -11.51
C PRO C 88 16.65 -8.94 -10.79
N ASP C 89 15.84 -9.84 -11.38
CA ASP C 89 14.56 -10.25 -10.79
C ASP C 89 14.74 -11.33 -9.72
N LEU C 90 15.60 -11.07 -8.75
CA LEU C 90 15.86 -12.02 -7.68
C LEU C 90 14.61 -12.30 -6.82
N ALA C 91 14.54 -13.52 -6.30
CA ALA C 91 13.43 -13.96 -5.47
C ALA C 91 13.98 -14.93 -4.44
N ALA C 92 13.41 -14.89 -3.24
CA ALA C 92 13.82 -15.81 -2.19
C ALA C 92 12.87 -16.97 -2.33
N TYR C 93 13.31 -18.00 -3.03
CA TYR C 93 12.52 -19.19 -3.27
C TYR C 93 11.74 -19.70 -2.06
N ASN C 94 12.32 -19.62 -0.87
CA ASN C 94 11.61 -20.11 0.32
C ASN C 94 11.01 -19.02 1.20
N ALA C 95 10.83 -17.85 0.60
CA ALA C 95 10.25 -16.70 1.29
C ALA C 95 8.75 -16.91 1.39
N ILE C 96 8.15 -16.51 2.50
CA ILE C 96 6.71 -16.63 2.68
C ILE C 96 6.03 -15.27 2.88
N SER C 97 6.70 -14.21 2.45
CA SER C 97 6.14 -12.88 2.53
C SER C 97 6.91 -12.07 1.50
N LYS C 98 6.27 -11.06 0.93
CA LYS C 98 6.96 -10.24 -0.06
C LYS C 98 8.05 -9.47 0.66
N PRO C 99 9.19 -9.23 -0.02
CA PRO C 99 10.30 -8.51 0.61
C PRO C 99 9.92 -7.08 0.97
N GLU C 100 10.21 -6.69 2.21
CA GLU C 100 9.91 -5.33 2.68
C GLU C 100 11.19 -4.50 2.67
N VAL C 101 11.32 -3.62 1.70
CA VAL C 101 12.50 -2.77 1.61
C VAL C 101 12.31 -1.61 2.57
N LEU C 102 13.25 -1.47 3.49
CA LEU C 102 13.18 -0.42 4.52
C LEU C 102 14.01 0.79 4.22
N THR C 103 14.83 0.72 3.19
CA THR C 103 15.70 1.82 2.85
C THR C 103 15.33 2.49 1.52
N PRO C 104 15.87 3.69 1.26
CA PRO C 104 15.65 4.46 0.03
C PRO C 104 16.05 3.56 -1.12
N GLN C 105 15.15 3.39 -2.08
CA GLN C 105 15.43 2.51 -3.22
C GLN C 105 16.29 3.17 -4.29
N LEU C 106 17.54 3.43 -3.89
CA LEU C 106 18.53 4.08 -4.73
C LEU C 106 19.73 3.17 -4.90
N ALA C 107 20.24 3.11 -6.13
CA ALA C 107 21.41 2.28 -6.40
C ALA C 107 22.56 3.21 -6.65
N ARG C 108 23.74 2.61 -6.77
CA ARG C 108 24.96 3.35 -7.03
C ARG C 108 25.46 2.91 -8.42
N VAL C 109 25.74 3.88 -9.30
CA VAL C 109 26.23 3.61 -10.66
C VAL C 109 27.64 4.15 -10.86
N VAL C 110 28.56 3.27 -11.23
CA VAL C 110 29.94 3.68 -11.44
C VAL C 110 30.20 3.92 -12.91
N SER C 111 31.00 4.96 -13.18
CA SER C 111 31.32 5.36 -14.55
C SER C 111 31.70 4.23 -15.53
N ASP C 112 32.02 3.04 -15.02
CA ASP C 112 32.36 1.92 -15.89
C ASP C 112 31.15 1.02 -16.19
N GLY C 113 30.00 1.40 -15.66
CA GLY C 113 28.79 0.62 -15.86
C GLY C 113 28.50 -0.35 -14.72
N GLU C 114 29.32 -0.30 -13.68
CA GLU C 114 29.12 -1.17 -12.51
C GLU C 114 27.92 -0.65 -11.76
N VAL C 115 26.90 -1.48 -11.61
CA VAL C 115 25.74 -1.03 -10.87
C VAL C 115 25.74 -1.71 -9.52
N LEU C 116 25.47 -0.93 -8.48
CA LEU C 116 25.45 -1.45 -7.12
C LEU C 116 24.12 -1.11 -6.44
N TYR C 117 23.46 -2.12 -5.87
CA TYR C 117 22.19 -1.89 -5.16
C TYR C 117 22.17 -2.70 -3.87
N MET C 118 22.06 -2.04 -2.73
CA MET C 118 22.10 -2.77 -1.47
C MET C 118 20.98 -2.39 -0.50
N PRO C 119 19.78 -2.91 -0.71
CA PRO C 119 18.66 -2.60 0.16
C PRO C 119 18.63 -3.39 1.45
N SER C 120 18.09 -2.75 2.48
CA SER C 120 17.93 -3.41 3.76
C SER C 120 16.54 -4.03 3.64
N ILE C 121 16.45 -5.34 3.79
CA ILE C 121 15.18 -6.03 3.64
C ILE C 121 14.70 -6.85 4.84
N ARG C 122 13.44 -6.69 5.21
CA ARG C 122 12.89 -7.48 6.28
C ARG C 122 11.99 -8.45 5.54
N GLN C 123 12.11 -9.73 5.84
CA GLN C 123 11.31 -10.74 5.16
C GLN C 123 11.13 -12.00 5.98
N ARG C 124 10.08 -12.76 5.70
CA ARG C 124 9.81 -13.98 6.44
C ARG C 124 10.03 -15.20 5.54
N PHE C 125 10.78 -16.17 6.05
CA PHE C 125 11.10 -17.39 5.31
C PHE C 125 10.61 -18.64 5.99
N SER C 126 10.51 -19.70 5.22
CA SER C 126 10.10 -21.02 5.71
C SER C 126 11.37 -21.86 5.69
N CYS C 127 11.91 -22.15 6.85
CA CYS C 127 13.15 -22.93 6.91
C CYS C 127 13.27 -23.71 8.21
N ASP C 128 14.25 -24.60 8.29
CA ASP C 128 14.46 -25.40 9.49
C ASP C 128 14.78 -24.51 10.69
N VAL C 129 13.90 -24.55 11.69
CA VAL C 129 14.11 -23.75 12.90
C VAL C 129 14.45 -24.65 14.10
N SER C 130 14.21 -25.95 13.98
CA SER C 130 14.50 -26.89 15.08
C SER C 130 15.94 -26.79 15.60
N GLY C 131 16.08 -26.70 16.92
CA GLY C 131 17.38 -26.61 17.54
C GLY C 131 17.79 -25.17 17.82
N VAL C 132 16.92 -24.24 17.48
CA VAL C 132 17.21 -22.84 17.68
C VAL C 132 17.50 -22.52 19.14
N ASP C 133 17.05 -23.39 20.04
CA ASP C 133 17.29 -23.17 21.46
C ASP C 133 18.45 -23.97 22.02
N THR C 134 18.97 -24.89 21.23
CA THR C 134 20.08 -25.71 21.67
C THR C 134 21.39 -24.97 21.43
N GLU C 135 22.50 -25.52 21.92
CA GLU C 135 23.78 -24.88 21.75
C GLU C 135 24.24 -24.97 20.30
N SER C 136 23.78 -26.02 19.61
CA SER C 136 24.12 -26.26 18.21
C SER C 136 23.36 -25.28 17.33
N GLY C 137 22.31 -24.69 17.90
CA GLY C 137 21.49 -23.73 17.19
C GLY C 137 20.75 -24.34 16.02
N ALA C 138 19.96 -23.53 15.30
CA ALA C 138 19.22 -24.03 14.14
C ALA C 138 19.91 -23.56 12.86
N THR C 139 19.69 -24.28 11.77
CA THR C 139 20.30 -23.87 10.52
C THR C 139 19.25 -23.54 9.48
N CYS C 140 18.96 -22.25 9.33
CA CYS C 140 17.97 -21.80 8.37
C CYS C 140 18.69 -21.51 7.06
N ARG C 141 18.25 -22.14 5.97
CA ARG C 141 18.85 -21.93 4.65
C ARG C 141 17.92 -21.12 3.74
N ILE C 142 18.46 -20.04 3.18
CA ILE C 142 17.72 -19.14 2.28
C ILE C 142 18.25 -19.23 0.85
N LYS C 143 17.36 -19.48 -0.11
CA LYS C 143 17.77 -19.57 -1.50
C LYS C 143 17.29 -18.35 -2.30
N ILE C 144 18.24 -17.58 -2.83
CA ILE C 144 17.96 -16.39 -3.63
C ILE C 144 18.45 -16.57 -5.06
N GLY C 145 17.62 -16.23 -6.03
CA GLY C 145 18.02 -16.38 -7.42
C GLY C 145 17.05 -15.69 -8.36
N SER C 146 17.45 -15.56 -9.63
CA SER C 146 16.57 -14.96 -10.61
C SER C 146 15.34 -15.82 -10.64
N TRP C 147 14.20 -15.22 -10.93
CA TRP C 147 12.94 -15.94 -10.98
C TRP C 147 12.55 -16.35 -12.40
N THR C 148 12.88 -15.52 -13.38
CA THR C 148 12.51 -15.81 -14.77
C THR C 148 13.68 -16.10 -15.73
N HIS C 149 14.88 -15.66 -15.38
CA HIS C 149 16.09 -15.84 -16.18
C HIS C 149 16.96 -17.01 -15.73
N HIS C 150 17.22 -17.96 -16.62
CA HIS C 150 18.04 -19.12 -16.31
C HIS C 150 19.52 -18.84 -16.54
N SER C 151 20.36 -19.80 -16.15
CA SER C 151 21.83 -19.70 -16.25
C SER C 151 22.40 -19.02 -17.49
N ARG C 152 21.77 -19.24 -18.65
CA ARG C 152 22.25 -18.63 -19.89
C ARG C 152 22.03 -17.12 -19.92
N GLU C 153 20.96 -16.66 -19.27
CA GLU C 153 20.63 -15.24 -19.22
C GLU C 153 21.21 -14.52 -18.00
N ILE C 154 21.12 -15.17 -16.84
CA ILE C 154 21.65 -14.60 -15.59
C ILE C 154 22.41 -15.59 -14.72
N SER C 155 23.58 -15.17 -14.23
CA SER C 155 24.39 -16.00 -13.35
C SER C 155 24.53 -15.30 -12.01
N VAL C 156 24.41 -16.06 -10.93
CA VAL C 156 24.53 -15.49 -9.60
C VAL C 156 25.61 -16.18 -8.79
N ASP C 157 26.56 -15.40 -8.31
CA ASP C 157 27.66 -15.91 -7.52
C ASP C 157 27.83 -15.06 -6.27
N PRO C 158 28.05 -15.71 -5.11
CA PRO C 158 28.22 -14.99 -3.85
C PRO C 158 29.58 -14.29 -3.77
N THR C 159 29.58 -13.08 -3.24
CA THR C 159 30.83 -12.33 -3.11
C THR C 159 31.69 -12.97 -2.05
N THR C 160 32.42 -14.02 -2.44
CA THR C 160 33.30 -14.75 -1.54
C THR C 160 34.37 -13.84 -0.95
N GLU C 161 34.14 -13.41 0.29
CA GLU C 161 35.05 -12.54 1.02
C GLU C 161 34.92 -12.79 2.51
N ASN C 162 35.86 -13.55 3.06
CA ASN C 162 35.86 -13.87 4.48
C ASN C 162 35.69 -12.63 5.35
N SER C 163 34.54 -12.56 6.02
CA SER C 163 34.22 -11.45 6.91
C SER C 163 33.34 -12.01 8.04
N ASP C 164 33.26 -11.27 9.14
CA ASP C 164 32.47 -11.70 10.28
C ASP C 164 31.01 -11.85 9.84
N ASP C 165 30.42 -12.99 10.18
CA ASP C 165 29.02 -13.29 9.83
C ASP C 165 28.04 -12.34 10.48
N SER C 166 28.23 -12.09 11.77
CA SER C 166 27.36 -11.19 12.51
C SER C 166 28.01 -9.82 12.64
N GLU C 167 28.84 -9.48 11.66
CA GLU C 167 29.56 -8.21 11.64
C GLU C 167 28.65 -7.01 11.89
N TYR C 168 27.48 -7.05 11.28
CA TYR C 168 26.51 -5.96 11.39
C TYR C 168 25.21 -6.50 11.97
N PHE C 169 25.33 -7.47 12.87
CA PHE C 169 24.16 -8.07 13.48
C PHE C 169 23.84 -7.35 14.78
N SER C 170 22.57 -7.00 14.94
CA SER C 170 22.13 -6.29 16.13
C SER C 170 22.52 -7.05 17.40
N GLN C 171 23.08 -6.33 18.37
CA GLN C 171 23.47 -6.95 19.61
C GLN C 171 22.25 -7.02 20.52
N TYR C 172 21.16 -6.39 20.11
CA TYR C 172 19.96 -6.37 20.93
C TYR C 172 18.96 -7.43 20.52
N SER C 173 19.39 -8.33 19.65
CA SER C 173 18.55 -9.40 19.15
C SER C 173 18.50 -10.57 20.14
N ARG C 174 17.34 -11.21 20.27
CA ARG C 174 17.23 -12.33 21.19
C ARG C 174 18.06 -13.51 20.70
N PHE C 175 18.58 -13.40 19.49
CA PHE C 175 19.36 -14.48 18.93
C PHE C 175 20.75 -13.99 18.58
N GLU C 176 21.63 -14.92 18.21
CA GLU C 176 23.01 -14.58 17.84
C GLU C 176 23.43 -15.47 16.67
N ILE C 177 24.38 -14.99 15.88
CA ILE C 177 24.84 -15.77 14.73
C ILE C 177 25.98 -16.71 15.10
N LEU C 178 25.82 -17.99 14.75
CA LEU C 178 26.88 -18.94 15.01
C LEU C 178 27.81 -18.99 13.80
N ASP C 179 27.23 -19.06 12.61
CA ASP C 179 28.03 -19.12 11.38
C ASP C 179 27.11 -18.96 10.16
N VAL C 180 27.62 -18.29 9.12
CA VAL C 180 26.85 -18.09 7.90
C VAL C 180 27.69 -18.48 6.67
N THR C 181 27.14 -19.37 5.85
CA THR C 181 27.82 -19.82 4.67
C THR C 181 26.98 -19.50 3.44
N GLN C 182 27.58 -18.81 2.48
CA GLN C 182 26.89 -18.43 1.26
C GLN C 182 27.42 -19.20 0.06
N LYS C 183 26.85 -20.36 -0.17
CA LYS C 183 27.26 -21.22 -1.26
C LYS C 183 26.48 -21.00 -2.57
N LYS C 184 27.20 -21.10 -3.69
CA LYS C 184 26.57 -20.93 -4.99
C LYS C 184 25.88 -22.24 -5.32
N ASN C 185 24.66 -22.16 -5.82
CA ASN C 185 23.94 -23.37 -6.15
C ASN C 185 23.14 -23.15 -7.44
N SER C 186 22.27 -24.08 -7.74
CA SER C 186 21.45 -24.04 -8.94
C SER C 186 20.11 -24.74 -8.70
N VAL C 187 19.17 -24.51 -9.60
CA VAL C 187 17.84 -25.11 -9.50
C VAL C 187 17.39 -25.57 -10.89
N THR C 188 16.52 -26.59 -10.93
CA THR C 188 16.01 -27.08 -12.19
C THR C 188 14.60 -27.60 -11.98
N TYR C 189 13.72 -27.36 -12.94
CA TYR C 189 12.35 -27.81 -12.80
C TYR C 189 11.99 -28.91 -13.79
N SER C 190 11.29 -29.92 -13.29
CA SER C 190 10.87 -31.06 -14.10
C SER C 190 9.88 -30.61 -15.16
N CYS C 191 10.40 -30.27 -16.33
CA CYS C 191 9.57 -29.81 -17.45
C CYS C 191 10.46 -29.29 -18.51
N CYS C 192 11.42 -28.53 -18.02
CA CYS C 192 12.31 -27.82 -18.88
C CYS C 192 13.77 -28.04 -18.47
N PRO C 193 14.69 -28.02 -19.46
CA PRO C 193 16.12 -28.21 -19.20
C PRO C 193 16.76 -27.02 -18.50
N GLU C 194 16.32 -25.82 -18.87
CA GLU C 194 16.83 -24.58 -18.31
C GLU C 194 17.03 -24.67 -16.79
N ALA C 195 18.21 -24.29 -16.32
CA ALA C 195 18.52 -24.32 -14.91
C ALA C 195 18.71 -22.89 -14.40
N TYR C 196 18.18 -22.60 -13.23
CA TYR C 196 18.30 -21.25 -12.67
C TYR C 196 19.32 -21.14 -11.56
N GLU C 197 20.30 -20.26 -11.73
CA GLU C 197 21.34 -20.10 -10.71
C GLU C 197 20.84 -19.36 -9.45
N ASP C 198 21.33 -19.79 -8.30
CA ASP C 198 20.96 -19.18 -7.04
C ASP C 198 22.11 -19.22 -6.04
N VAL C 199 21.86 -18.63 -4.89
CA VAL C 199 22.85 -18.60 -3.83
C VAL C 199 22.15 -19.17 -2.62
N GLU C 200 22.67 -20.27 -2.07
CA GLU C 200 22.06 -20.87 -0.89
C GLU C 200 22.80 -20.40 0.36
N VAL C 201 22.14 -19.56 1.15
CA VAL C 201 22.71 -19.02 2.37
C VAL C 201 22.25 -19.80 3.59
N SER C 202 23.20 -20.39 4.31
CA SER C 202 22.85 -21.16 5.49
C SER C 202 23.13 -20.28 6.70
N LEU C 203 22.10 -20.03 7.48
CA LEU C 203 22.21 -19.20 8.67
C LEU C 203 22.16 -20.08 9.90
N ASN C 204 23.28 -20.13 10.62
CA ASN C 204 23.37 -20.90 11.84
C ASN C 204 23.19 -19.92 12.97
N PHE C 205 22.03 -19.98 13.62
CA PHE C 205 21.71 -19.10 14.75
C PHE C 205 21.02 -19.87 15.89
N ARG C 206 21.00 -19.26 17.06
CA ARG C 206 20.33 -19.84 18.24
C ARG C 206 19.97 -18.71 19.20
N LYS C 207 19.04 -18.97 20.12
CA LYS C 207 18.62 -17.93 21.08
C LYS C 207 19.68 -17.68 22.15
N LYS C 208 20.02 -16.41 22.39
CA LYS C 208 21.01 -16.04 23.39
C LYS C 208 20.56 -16.44 24.79
N GLY C 209 21.22 -17.47 25.34
CA GLY C 209 20.87 -17.94 26.67
C GLY C 209 21.11 -16.87 27.72
N ARG C 210 20.84 -17.22 28.98
CA ARG C 210 21.02 -16.29 30.11
C ARG C 210 22.50 -16.00 30.37
N SER C 211 22.95 -14.81 30.00
CA SER C 211 24.35 -14.43 30.20
C SER C 211 24.49 -12.91 30.26
N ALA D 4 20.34 -10.10 -37.16
CA ALA D 4 19.87 -10.79 -35.93
C ALA D 4 19.18 -9.79 -34.99
N ALA D 5 18.18 -10.26 -34.25
CA ALA D 5 17.47 -9.40 -33.33
C ALA D 5 17.91 -9.65 -31.89
N ASP D 6 18.13 -8.56 -31.14
CA ASP D 6 18.52 -8.68 -29.76
C ASP D 6 17.25 -8.63 -28.90
N ARG D 7 17.42 -8.75 -27.59
CA ARG D 7 16.28 -8.74 -26.69
C ARG D 7 15.54 -7.40 -26.72
N ALA D 8 16.28 -6.32 -26.99
CA ALA D 8 15.68 -5.01 -27.05
C ALA D 8 14.65 -4.93 -28.19
N ASP D 9 15.01 -5.43 -29.38
CA ASP D 9 14.13 -5.42 -30.57
C ASP D 9 12.93 -6.33 -30.37
N ILE D 10 13.12 -7.39 -29.61
CA ILE D 10 12.02 -8.31 -29.36
C ILE D 10 11.02 -7.60 -28.49
N LEU D 11 11.48 -7.04 -27.38
CA LEU D 11 10.60 -6.32 -26.44
C LEU D 11 9.81 -5.22 -27.11
N TYR D 12 10.51 -4.39 -27.87
CA TYR D 12 9.89 -3.28 -28.56
C TYR D 12 8.78 -3.74 -29.50
N ASN D 13 9.03 -4.82 -30.25
CA ASN D 13 8.02 -5.34 -31.15
C ASN D 13 6.81 -5.72 -30.29
N ILE D 14 7.07 -6.40 -29.18
CA ILE D 14 6.00 -6.82 -28.28
C ILE D 14 5.19 -5.60 -27.80
N ARG D 15 5.91 -4.66 -27.18
CA ARG D 15 5.30 -3.45 -26.67
C ARG D 15 4.48 -2.67 -27.70
N GLN D 16 5.00 -2.55 -28.92
CA GLN D 16 4.28 -1.80 -29.95
C GLN D 16 3.12 -2.56 -30.56
N THR D 17 2.95 -3.83 -30.19
CA THR D 17 1.85 -4.62 -30.75
C THR D 17 0.99 -5.31 -29.69
N SER D 18 1.40 -5.27 -28.43
CA SER D 18 0.59 -5.90 -27.40
C SER D 18 -0.43 -4.90 -26.90
N ARG D 19 -1.61 -5.40 -26.57
CA ARG D 19 -2.67 -4.56 -26.07
C ARG D 19 -3.00 -5.12 -24.70
N PRO D 20 -2.42 -4.52 -23.64
CA PRO D 20 -2.67 -4.99 -22.28
C PRO D 20 -4.12 -5.05 -21.84
N ASP D 21 -4.98 -4.21 -22.42
CA ASP D 21 -6.39 -4.21 -22.04
C ASP D 21 -7.29 -4.80 -23.11
N VAL D 22 -6.70 -5.52 -24.06
CA VAL D 22 -7.49 -6.11 -25.13
C VAL D 22 -7.22 -7.60 -25.19
N ILE D 23 -8.25 -8.39 -24.89
CA ILE D 23 -8.10 -9.83 -24.93
C ILE D 23 -7.70 -10.25 -26.34
N PRO D 24 -6.58 -10.98 -26.47
CA PRO D 24 -6.08 -11.44 -27.77
C PRO D 24 -6.87 -12.58 -28.38
N THR D 25 -8.10 -12.32 -28.79
CA THR D 25 -8.96 -13.34 -29.38
C THR D 25 -8.57 -13.60 -30.84
N GLN D 26 -8.74 -14.84 -31.27
CA GLN D 26 -8.48 -15.25 -32.65
C GLN D 26 -9.86 -15.54 -33.26
N ARG D 27 -10.29 -14.69 -34.19
CA ARG D 27 -11.59 -14.84 -34.84
C ARG D 27 -12.69 -14.64 -33.79
N ASP D 28 -13.39 -15.71 -33.46
CA ASP D 28 -14.45 -15.62 -32.45
C ASP D 28 -14.06 -16.51 -31.28
N ARG D 29 -13.36 -17.59 -31.58
CA ARG D 29 -12.93 -18.54 -30.57
C ARG D 29 -12.37 -17.90 -29.31
N PRO D 30 -12.50 -18.60 -28.16
CA PRO D 30 -12.01 -18.10 -26.88
C PRO D 30 -10.49 -18.23 -26.75
N VAL D 31 -9.89 -17.46 -25.83
CA VAL D 31 -8.45 -17.58 -25.60
C VAL D 31 -8.26 -18.71 -24.62
N ALA D 32 -7.46 -19.71 -25.01
CA ALA D 32 -7.21 -20.88 -24.19
C ALA D 32 -6.12 -20.64 -23.16
N VAL D 33 -6.55 -20.51 -21.92
CA VAL D 33 -5.68 -20.26 -20.78
C VAL D 33 -5.50 -21.53 -19.94
N SER D 34 -4.25 -21.94 -19.73
CA SER D 34 -3.96 -23.12 -18.93
C SER D 34 -3.52 -22.66 -17.53
N VAL D 35 -4.14 -23.26 -16.49
CA VAL D 35 -3.85 -22.95 -15.09
C VAL D 35 -3.49 -24.17 -14.28
N SER D 36 -2.32 -24.14 -13.66
CA SER D 36 -1.85 -25.26 -12.87
C SER D 36 -1.20 -24.73 -11.61
N LEU D 37 -1.61 -25.24 -10.46
CA LEU D 37 -1.04 -24.78 -9.20
C LEU D 37 -0.01 -25.75 -8.66
N LYS D 38 1.04 -25.23 -8.04
CA LYS D 38 2.06 -26.08 -7.44
C LYS D 38 2.19 -25.62 -6.00
N PHE D 39 1.52 -26.31 -5.10
CA PHE D 39 1.57 -25.94 -3.71
C PHE D 39 3.02 -25.97 -3.21
N ILE D 40 3.43 -24.91 -2.52
CA ILE D 40 4.79 -24.79 -2.01
C ILE D 40 4.82 -24.79 -0.50
N ASN D 41 3.72 -24.37 0.12
CA ASN D 41 3.66 -24.34 1.57
C ASN D 41 2.22 -24.14 2.04
N ILE D 42 1.96 -24.56 3.27
CA ILE D 42 0.66 -24.44 3.91
C ILE D 42 1.00 -23.84 5.26
N LEU D 43 0.44 -22.67 5.55
CA LEU D 43 0.76 -21.97 6.80
C LEU D 43 -0.33 -21.91 7.88
N GLU D 44 -1.00 -20.78 7.97
CA GLU D 44 -2.06 -20.58 8.95
C GLU D 44 -3.27 -21.45 8.63
N VAL D 45 -3.51 -22.48 9.42
CA VAL D 45 -4.65 -23.37 9.19
C VAL D 45 -5.58 -23.31 10.41
N ASN D 46 -6.89 -23.25 10.18
CA ASN D 46 -7.84 -23.17 11.29
C ASN D 46 -9.11 -23.99 11.02
N GLU D 47 -9.26 -25.08 11.77
CA GLU D 47 -10.42 -25.97 11.59
C GLU D 47 -11.69 -25.41 12.20
N ILE D 48 -11.54 -24.44 13.08
CA ILE D 48 -12.70 -23.82 13.70
C ILE D 48 -13.32 -22.84 12.70
N THR D 49 -12.50 -21.99 12.09
CA THR D 49 -13.00 -21.00 11.14
C THR D 49 -13.04 -21.50 9.68
N ASN D 50 -12.44 -22.64 9.41
CA ASN D 50 -12.37 -23.21 8.08
C ASN D 50 -11.61 -22.31 7.11
N GLU D 51 -10.44 -21.87 7.54
CA GLU D 51 -9.63 -20.99 6.73
C GLU D 51 -8.21 -21.55 6.68
N VAL D 52 -7.54 -21.36 5.54
CA VAL D 52 -6.16 -21.83 5.37
C VAL D 52 -5.35 -20.80 4.62
N ASP D 53 -4.09 -20.71 5.00
CA ASP D 53 -3.18 -19.79 4.39
C ASP D 53 -2.33 -20.70 3.49
N VAL D 54 -2.21 -20.38 2.21
CA VAL D 54 -1.41 -21.26 1.36
C VAL D 54 -0.55 -20.51 0.36
N VAL D 55 0.65 -21.03 0.13
CA VAL D 55 1.60 -20.46 -0.83
C VAL D 55 1.69 -21.42 -1.99
N PHE D 56 1.55 -20.89 -3.20
CA PHE D 56 1.60 -21.71 -4.40
C PHE D 56 2.07 -20.98 -5.65
N TRP D 57 2.53 -21.73 -6.64
CA TRP D 57 2.94 -21.13 -7.89
C TRP D 57 1.75 -21.35 -8.80
N GLN D 58 1.31 -20.26 -9.42
CA GLN D 58 0.16 -20.29 -10.31
C GLN D 58 0.64 -20.19 -11.75
N ARG D 59 1.13 -21.31 -12.28
CA ARG D 59 1.60 -21.38 -13.66
C ARG D 59 0.42 -21.12 -14.59
N THR D 60 0.48 -19.99 -15.28
CA THR D 60 -0.57 -19.57 -16.19
C THR D 60 0.01 -19.44 -17.59
N THR D 61 -0.64 -20.10 -18.55
CA THR D 61 -0.16 -20.10 -19.92
C THR D 61 -1.25 -19.82 -20.93
N TRP D 62 -0.94 -18.98 -21.91
CA TRP D 62 -1.88 -18.66 -22.98
C TRP D 62 -1.06 -18.21 -24.17
N SER D 63 -1.69 -17.94 -25.30
CA SER D 63 -0.92 -17.52 -26.46
C SER D 63 -1.42 -16.25 -27.14
N ASP D 64 -0.48 -15.55 -27.76
CA ASP D 64 -0.76 -14.33 -28.49
C ASP D 64 0.18 -14.33 -29.71
N ARG D 65 -0.24 -15.05 -30.75
CA ARG D 65 0.52 -15.17 -31.97
C ARG D 65 0.95 -13.85 -32.60
N THR D 66 0.31 -12.73 -32.23
CA THR D 66 0.68 -11.44 -32.81
C THR D 66 2.05 -10.97 -32.31
N LEU D 67 2.54 -11.63 -31.27
CA LEU D 67 3.83 -11.29 -30.68
C LEU D 67 4.94 -12.20 -31.18
N ALA D 68 4.57 -13.28 -31.88
CA ALA D 68 5.58 -14.21 -32.35
C ALA D 68 6.64 -13.55 -33.23
N TRP D 69 7.84 -14.13 -33.26
CA TRP D 69 8.93 -13.60 -34.08
C TRP D 69 9.86 -14.72 -34.55
N ASP D 70 10.78 -14.38 -35.45
CA ASP D 70 11.72 -15.37 -35.99
C ASP D 70 12.91 -15.52 -35.04
N SER D 71 13.00 -16.68 -34.39
CA SER D 71 14.09 -16.92 -33.45
C SER D 71 15.16 -17.86 -34.00
N SER D 72 15.33 -17.86 -35.32
CA SER D 72 16.32 -18.73 -35.93
C SER D 72 17.71 -18.36 -35.42
N HIS D 73 17.99 -17.06 -35.37
CA HIS D 73 19.28 -16.56 -34.89
C HIS D 73 19.08 -15.35 -33.98
N SER D 74 18.18 -15.50 -33.03
CA SER D 74 17.88 -14.46 -32.06
C SER D 74 17.21 -15.19 -30.89
N PRO D 75 17.24 -14.60 -29.68
CA PRO D 75 16.63 -15.21 -28.49
C PRO D 75 15.22 -15.72 -28.72
N ASP D 76 14.96 -16.98 -28.37
CA ASP D 76 13.62 -17.52 -28.58
C ASP D 76 12.69 -17.37 -27.39
N GLN D 77 13.12 -16.57 -26.41
CA GLN D 77 12.32 -16.32 -25.22
C GLN D 77 12.84 -15.09 -24.47
N VAL D 78 11.94 -14.30 -23.91
CA VAL D 78 12.35 -13.14 -23.14
C VAL D 78 11.42 -12.86 -21.96
N SER D 79 11.94 -12.17 -20.96
CA SER D 79 11.16 -11.83 -19.78
C SER D 79 10.57 -10.46 -20.00
N VAL D 80 9.27 -10.38 -19.85
CA VAL D 80 8.56 -9.16 -20.07
C VAL D 80 7.63 -8.85 -18.92
N PRO D 81 7.59 -7.58 -18.47
CA PRO D 81 6.72 -7.16 -17.37
C PRO D 81 5.26 -7.39 -17.73
N ILE D 82 4.51 -8.08 -16.87
CA ILE D 82 3.11 -8.32 -17.15
C ILE D 82 2.32 -7.06 -17.50
N SER D 83 2.80 -5.88 -17.10
CA SER D 83 2.11 -4.64 -17.43
C SER D 83 2.20 -4.29 -18.90
N SER D 84 3.12 -4.91 -19.63
CA SER D 84 3.22 -4.60 -21.06
C SER D 84 2.40 -5.60 -21.86
N LEU D 85 1.81 -6.56 -21.17
CA LEU D 85 1.06 -7.60 -21.88
C LEU D 85 -0.36 -7.75 -21.34
N TRP D 86 -1.21 -8.43 -22.11
CA TRP D 86 -2.55 -8.68 -21.64
C TRP D 86 -2.42 -9.94 -20.80
N VAL D 87 -3.09 -9.94 -19.65
CA VAL D 87 -3.05 -11.06 -18.72
C VAL D 87 -4.48 -11.49 -18.35
N PRO D 88 -4.73 -12.81 -18.27
CA PRO D 88 -6.05 -13.35 -17.92
C PRO D 88 -6.45 -12.77 -16.58
N ASP D 89 -7.68 -12.25 -16.50
CA ASP D 89 -8.15 -11.66 -15.27
C ASP D 89 -8.66 -12.74 -14.33
N LEU D 90 -7.75 -13.66 -13.99
CA LEU D 90 -8.04 -14.79 -13.13
C LEU D 90 -8.27 -14.33 -11.68
N ALA D 91 -9.14 -15.04 -10.97
CA ALA D 91 -9.46 -14.75 -9.58
C ALA D 91 -9.86 -16.04 -8.82
N ALA D 92 -9.42 -16.13 -7.57
CA ALA D 92 -9.73 -17.27 -6.73
C ALA D 92 -11.11 -16.99 -6.15
N TYR D 93 -12.12 -17.71 -6.63
CA TYR D 93 -13.49 -17.51 -6.19
C TYR D 93 -13.71 -17.63 -4.69
N ASN D 94 -13.00 -18.56 -4.04
CA ASN D 94 -13.20 -18.72 -2.62
C ASN D 94 -12.09 -18.11 -1.76
N ALA D 95 -11.33 -17.20 -2.35
CA ALA D 95 -10.26 -16.54 -1.60
C ALA D 95 -10.88 -15.42 -0.77
N ILE D 96 -10.41 -15.30 0.46
CA ILE D 96 -10.89 -14.29 1.39
C ILE D 96 -9.85 -13.22 1.65
N SER D 97 -8.83 -13.16 0.78
CA SER D 97 -7.78 -12.16 0.91
C SER D 97 -7.22 -11.91 -0.48
N LYS D 98 -6.80 -10.69 -0.78
CA LYS D 98 -6.24 -10.44 -2.10
C LYS D 98 -4.94 -11.23 -2.22
N PRO D 99 -4.59 -11.67 -3.44
CA PRO D 99 -3.34 -12.44 -3.59
C PRO D 99 -2.04 -11.67 -3.32
N GLU D 100 -1.16 -12.24 -2.53
CA GLU D 100 0.11 -11.58 -2.25
C GLU D 100 1.19 -12.20 -3.16
N VAL D 101 1.58 -11.47 -4.20
CA VAL D 101 2.60 -11.95 -5.12
C VAL D 101 4.00 -11.72 -4.57
N LEU D 102 4.66 -12.82 -4.24
CA LEU D 102 6.00 -12.83 -3.64
C LEU D 102 7.17 -12.67 -4.61
N THR D 103 6.90 -12.84 -5.91
CA THR D 103 7.97 -12.80 -6.89
C THR D 103 7.84 -11.70 -7.94
N PRO D 104 8.95 -11.39 -8.63
CA PRO D 104 8.94 -10.37 -9.67
C PRO D 104 7.76 -10.62 -10.62
N GLN D 105 7.02 -9.58 -10.93
CA GLN D 105 5.85 -9.76 -11.78
C GLN D 105 6.24 -9.71 -13.26
N LEU D 106 7.09 -10.66 -13.63
CA LEU D 106 7.57 -10.75 -15.01
C LEU D 106 7.02 -11.99 -15.70
N ALA D 107 6.57 -11.83 -16.93
CA ALA D 107 6.05 -12.98 -17.68
C ALA D 107 7.19 -13.47 -18.56
N ARG D 108 6.87 -14.44 -19.39
CA ARG D 108 7.86 -15.01 -20.28
C ARG D 108 7.14 -15.13 -21.62
N VAL D 109 7.74 -14.59 -22.68
CA VAL D 109 7.15 -14.64 -24.01
C VAL D 109 8.06 -15.47 -24.93
N VAL D 110 7.50 -16.49 -25.55
CA VAL D 110 8.26 -17.36 -26.46
C VAL D 110 8.08 -16.86 -27.89
N SER D 111 9.13 -17.01 -28.71
CA SER D 111 9.08 -16.55 -30.11
C SER D 111 7.85 -17.00 -30.90
N ASP D 112 7.19 -18.06 -30.43
CA ASP D 112 6.00 -18.55 -31.12
C ASP D 112 4.70 -17.95 -30.62
N GLY D 113 4.76 -16.90 -29.81
CA GLY D 113 3.51 -16.31 -29.34
C GLY D 113 3.01 -16.86 -28.02
N GLU D 114 3.70 -17.87 -27.50
CA GLU D 114 3.33 -18.46 -26.23
C GLU D 114 3.67 -17.49 -25.11
N VAL D 115 2.76 -17.35 -24.16
CA VAL D 115 2.99 -16.47 -23.03
C VAL D 115 2.82 -17.24 -21.75
N LEU D 116 3.82 -17.17 -20.90
CA LEU D 116 3.81 -17.88 -19.64
C LEU D 116 4.05 -16.95 -18.48
N TYR D 117 3.25 -17.13 -17.45
CA TYR D 117 3.37 -16.32 -16.24
C TYR D 117 3.13 -17.23 -15.04
N MET D 118 4.13 -17.28 -14.15
CA MET D 118 4.07 -18.13 -12.98
C MET D 118 4.46 -17.44 -11.69
N PRO D 119 3.52 -16.67 -11.11
CA PRO D 119 3.80 -15.97 -9.86
C PRO D 119 3.62 -16.88 -8.66
N SER D 120 4.44 -16.65 -7.64
CA SER D 120 4.33 -17.43 -6.43
C SER D 120 3.40 -16.54 -5.59
N ILE D 121 2.27 -17.12 -5.20
CA ILE D 121 1.25 -16.39 -4.49
C ILE D 121 0.92 -16.92 -3.10
N ARG D 122 0.77 -16.02 -2.15
CA ARG D 122 0.38 -16.39 -0.80
C ARG D 122 -1.05 -15.85 -0.68
N GLN D 123 -1.99 -16.70 -0.24
CA GLN D 123 -3.38 -16.24 -0.15
C GLN D 123 -4.25 -17.07 0.81
N ARG D 124 -5.20 -16.42 1.47
CA ARG D 124 -6.06 -17.14 2.39
CA ARG D 124 -6.10 -17.08 2.42
C ARG D 124 -7.38 -17.56 1.72
N PHE D 125 -7.80 -18.78 2.02
CA PHE D 125 -9.01 -19.31 1.43
C PHE D 125 -9.99 -19.85 2.45
N SER D 126 -11.25 -19.94 2.03
CA SER D 126 -12.33 -20.48 2.84
C SER D 126 -12.69 -21.83 2.24
N CYS D 127 -12.36 -22.91 2.94
CA CYS D 127 -12.67 -24.23 2.41
C CYS D 127 -12.78 -25.20 3.57
N ASP D 128 -12.91 -26.48 3.21
CA ASP D 128 -13.04 -27.55 4.20
C ASP D 128 -11.72 -27.75 4.92
N VAL D 129 -11.74 -27.66 6.23
CA VAL D 129 -10.51 -27.87 6.97
C VAL D 129 -10.70 -29.06 7.91
N SER D 130 -11.94 -29.51 8.04
CA SER D 130 -12.23 -30.64 8.92
C SER D 130 -11.40 -31.90 8.64
N GLY D 131 -10.91 -32.51 9.71
CA GLY D 131 -10.12 -33.71 9.59
C GLY D 131 -8.69 -33.45 9.20
N VAL D 132 -8.25 -32.21 9.30
CA VAL D 132 -6.89 -31.87 8.94
C VAL D 132 -5.87 -32.54 9.86
N ASP D 133 -6.31 -32.88 11.07
CA ASP D 133 -5.48 -33.53 12.07
C ASP D 133 -5.74 -35.02 12.17
N THR D 134 -6.46 -35.57 11.21
CA THR D 134 -6.77 -37.00 11.18
C THR D 134 -5.87 -37.66 10.13
N GLU D 135 -5.94 -38.98 10.03
CA GLU D 135 -5.12 -39.67 9.06
C GLU D 135 -5.59 -39.34 7.64
N SER D 136 -6.91 -39.38 7.44
CA SER D 136 -7.51 -39.07 6.14
C SER D 136 -7.21 -37.63 5.71
N GLY D 137 -6.87 -36.78 6.68
CA GLY D 137 -6.57 -35.38 6.39
C GLY D 137 -7.78 -34.56 5.97
N ALA D 138 -7.54 -33.41 5.34
CA ALA D 138 -8.64 -32.56 4.91
C ALA D 138 -8.57 -32.32 3.40
N THR D 139 -9.65 -31.80 2.83
CA THR D 139 -9.67 -31.49 1.40
C THR D 139 -10.25 -30.11 1.14
N CYS D 140 -9.32 -29.19 0.89
CA CYS D 140 -9.59 -27.79 0.60
C CYS D 140 -9.72 -27.64 -0.92
N ARG D 141 -10.84 -27.10 -1.38
CA ARG D 141 -11.02 -26.91 -2.83
C ARG D 141 -10.90 -25.43 -3.19
N ILE D 142 -9.93 -25.12 -4.03
CA ILE D 142 -9.62 -23.78 -4.53
C ILE D 142 -10.19 -23.67 -5.94
N LYS D 143 -10.98 -22.64 -6.23
CA LYS D 143 -11.52 -22.47 -7.59
C LYS D 143 -10.96 -21.20 -8.23
N ILE D 144 -10.18 -21.35 -9.29
CA ILE D 144 -9.60 -20.21 -9.96
C ILE D 144 -10.14 -20.15 -11.37
N GLY D 145 -10.38 -18.95 -11.90
CA GLY D 145 -10.89 -18.83 -13.25
C GLY D 145 -11.13 -17.39 -13.61
N SER D 146 -11.39 -17.10 -14.89
CA SER D 146 -11.63 -15.73 -15.32
C SER D 146 -12.72 -15.11 -14.47
N TRP D 147 -12.62 -13.80 -14.26
CA TRP D 147 -13.59 -13.09 -13.46
C TRP D 147 -14.63 -12.36 -14.31
N THR D 148 -14.23 -11.80 -15.45
CA THR D 148 -15.20 -11.09 -16.27
C THR D 148 -15.39 -11.71 -17.65
N HIS D 149 -14.56 -12.69 -18.00
CA HIS D 149 -14.67 -13.34 -19.30
C HIS D 149 -15.32 -14.70 -19.28
N HIS D 150 -16.42 -14.84 -20.02
CA HIS D 150 -17.12 -16.10 -20.04
C HIS D 150 -16.54 -17.12 -21.01
N SER D 151 -17.14 -18.30 -21.06
CA SER D 151 -16.69 -19.39 -21.89
C SER D 151 -16.38 -19.01 -23.33
N ARG D 152 -17.13 -18.10 -23.92
CA ARG D 152 -16.87 -17.72 -25.30
C ARG D 152 -15.59 -16.89 -25.48
N GLU D 153 -15.19 -16.15 -24.46
CA GLU D 153 -14.01 -15.29 -24.54
C GLU D 153 -12.76 -15.91 -23.93
N ILE D 154 -12.94 -16.66 -22.85
CA ILE D 154 -11.82 -17.28 -22.20
C ILE D 154 -12.19 -18.69 -21.76
N SER D 155 -11.22 -19.59 -21.81
CA SER D 155 -11.43 -20.98 -21.41
C SER D 155 -10.18 -21.38 -20.61
N VAL D 156 -10.39 -22.11 -19.51
CA VAL D 156 -9.29 -22.55 -18.66
C VAL D 156 -9.21 -24.07 -18.65
N ASP D 157 -8.03 -24.59 -18.93
CA ASP D 157 -7.83 -26.02 -18.95
CA ASP D 157 -7.84 -26.03 -18.93
C ASP D 157 -6.77 -26.39 -17.91
N PRO D 158 -7.08 -27.37 -17.07
CA PRO D 158 -6.12 -27.79 -16.05
C PRO D 158 -4.99 -28.57 -16.70
N THR D 159 -3.78 -28.32 -16.24
CA THR D 159 -2.62 -29.02 -16.77
C THR D 159 -2.66 -30.46 -16.27
N THR D 160 -3.55 -31.27 -16.86
CA THR D 160 -3.70 -32.67 -16.48
C THR D 160 -2.50 -33.49 -16.95
N GLU D 161 -1.55 -33.70 -16.04
CA GLU D 161 -0.34 -34.46 -16.35
C GLU D 161 0.28 -35.00 -15.05
N ASN D 162 0.45 -36.31 -15.02
CA ASN D 162 1.01 -37.01 -13.87
C ASN D 162 2.31 -36.32 -13.40
N SER D 163 2.28 -35.80 -12.18
CA SER D 163 3.44 -35.13 -11.60
C SER D 163 3.39 -35.15 -10.07
N ASP D 164 4.56 -35.10 -9.46
CA ASP D 164 4.65 -35.13 -8.00
C ASP D 164 3.93 -33.92 -7.42
N ASP D 165 2.90 -34.18 -6.62
CA ASP D 165 2.13 -33.12 -6.01
C ASP D 165 2.95 -32.29 -5.03
N SER D 166 3.63 -32.95 -4.11
CA SER D 166 4.45 -32.26 -3.13
C SER D 166 5.90 -32.17 -3.58
N GLU D 167 6.10 -32.17 -4.88
CA GLU D 167 7.45 -32.09 -5.44
C GLU D 167 8.20 -30.84 -5.00
N TYR D 168 7.47 -29.73 -4.92
CA TYR D 168 8.05 -28.45 -4.53
C TYR D 168 7.54 -28.00 -3.16
N PHE D 169 6.65 -28.80 -2.58
CA PHE D 169 6.07 -28.51 -1.28
C PHE D 169 7.14 -28.48 -0.19
N SER D 170 7.10 -27.45 0.65
CA SER D 170 8.08 -27.30 1.73
C SER D 170 8.00 -28.47 2.71
N GLN D 171 9.17 -28.98 3.07
CA GLN D 171 9.26 -30.10 4.01
C GLN D 171 9.16 -29.56 5.43
N TYR D 172 9.49 -28.27 5.58
CA TYR D 172 9.47 -27.63 6.87
C TYR D 172 8.06 -27.19 7.26
N SER D 173 7.13 -27.43 6.36
CA SER D 173 5.74 -27.09 6.62
C SER D 173 5.25 -28.01 7.74
N ARG D 174 4.24 -27.56 8.48
CA ARG D 174 3.69 -28.38 9.57
C ARG D 174 2.74 -29.42 8.99
N PHE D 175 2.44 -29.29 7.70
CA PHE D 175 1.52 -30.22 7.06
C PHE D 175 2.17 -30.93 5.89
N GLU D 176 1.42 -31.82 5.26
CA GLU D 176 1.93 -32.56 4.12
C GLU D 176 0.80 -32.78 3.13
N ILE D 177 1.16 -32.94 1.86
CA ILE D 177 0.16 -33.15 0.83
C ILE D 177 -0.10 -34.63 0.58
N LEU D 178 -1.34 -35.05 0.83
CA LEU D 178 -1.72 -36.44 0.61
C LEU D 178 -1.92 -36.64 -0.89
N ASP D 179 -2.61 -35.69 -1.53
CA ASP D 179 -2.86 -35.75 -2.97
C ASP D 179 -3.52 -34.47 -3.49
N VAL D 180 -3.27 -34.15 -4.76
CA VAL D 180 -3.85 -32.96 -5.39
C VAL D 180 -4.53 -33.32 -6.71
N THR D 181 -5.66 -32.70 -6.99
CA THR D 181 -6.39 -32.94 -8.23
C THR D 181 -6.91 -31.64 -8.84
N GLN D 182 -6.50 -31.37 -10.07
CA GLN D 182 -6.91 -30.17 -10.76
C GLN D 182 -7.89 -30.48 -11.88
N LYS D 183 -9.19 -30.38 -11.56
CA LYS D 183 -10.26 -30.65 -12.52
C LYS D 183 -10.80 -29.36 -13.15
N LYS D 184 -11.51 -29.50 -14.27
CA LYS D 184 -12.09 -28.36 -14.94
C LYS D 184 -13.54 -28.22 -14.52
N ASN D 185 -13.95 -27.00 -14.17
CA ASN D 185 -15.31 -26.75 -13.74
C ASN D 185 -15.91 -25.59 -14.51
N SER D 186 -17.23 -25.43 -14.41
CA SER D 186 -17.92 -24.38 -15.11
C SER D 186 -18.89 -23.72 -14.12
N VAL D 187 -19.18 -22.44 -14.29
CA VAL D 187 -20.08 -21.75 -13.37
C VAL D 187 -21.04 -20.81 -14.10
N THR D 188 -22.28 -20.76 -13.64
CA THR D 188 -23.29 -19.90 -14.24
C THR D 188 -24.06 -19.25 -13.12
N TYR D 189 -24.72 -18.14 -13.40
CA TYR D 189 -25.48 -17.45 -12.38
C TYR D 189 -26.91 -17.22 -12.81
N SER D 190 -27.84 -17.53 -11.92
CA SER D 190 -29.26 -17.35 -12.21
C SER D 190 -29.52 -15.86 -12.43
N CYS D 191 -29.32 -15.43 -13.68
CA CYS D 191 -29.51 -14.03 -14.09
C CYS D 191 -29.02 -13.93 -15.50
N CYS D 192 -27.98 -14.73 -15.70
CA CYS D 192 -27.26 -14.70 -16.92
C CYS D 192 -27.01 -16.11 -17.48
N PRO D 193 -27.22 -16.28 -18.79
CA PRO D 193 -27.03 -17.55 -19.50
C PRO D 193 -25.59 -17.99 -19.70
N GLU D 194 -24.69 -17.04 -19.91
CA GLU D 194 -23.29 -17.39 -20.14
C GLU D 194 -22.66 -18.09 -18.93
N ALA D 195 -21.63 -18.89 -19.19
CA ALA D 195 -20.93 -19.61 -18.14
C ALA D 195 -19.48 -19.18 -18.05
N TYR D 196 -18.89 -19.33 -16.86
CA TYR D 196 -17.50 -18.98 -16.63
C TYR D 196 -16.71 -20.21 -16.23
N GLU D 197 -15.81 -20.65 -17.09
CA GLU D 197 -15.01 -21.83 -16.81
C GLU D 197 -13.97 -21.53 -15.74
N ASP D 198 -13.55 -22.57 -15.02
CA ASP D 198 -12.54 -22.45 -13.96
C ASP D 198 -11.83 -23.78 -13.72
N VAL D 199 -10.82 -23.76 -12.87
CA VAL D 199 -10.10 -24.97 -12.54
C VAL D 199 -10.26 -25.19 -11.05
N GLU D 200 -10.92 -26.28 -10.69
CA GLU D 200 -11.15 -26.60 -9.29
C GLU D 200 -10.03 -27.49 -8.80
N VAL D 201 -9.19 -26.95 -7.93
CA VAL D 201 -8.07 -27.68 -7.36
C VAL D 201 -8.46 -28.17 -5.98
N SER D 202 -8.35 -29.49 -5.78
CA SER D 202 -8.70 -30.11 -4.50
C SER D 202 -7.44 -30.54 -3.78
N LEU D 203 -7.05 -29.79 -2.76
CA LEU D 203 -5.85 -30.12 -1.99
C LEU D 203 -6.18 -31.00 -0.77
N ASN D 204 -5.65 -32.22 -0.78
CA ASN D 204 -5.87 -33.15 0.32
C ASN D 204 -4.59 -33.18 1.14
N PHE D 205 -4.65 -32.57 2.33
CA PHE D 205 -3.50 -32.49 3.24
C PHE D 205 -3.90 -32.75 4.69
N ARG D 206 -2.90 -32.99 5.54
CA ARG D 206 -3.13 -33.28 6.95
C ARG D 206 -1.94 -32.82 7.77
N LYS D 207 -2.08 -32.84 9.09
CA LYS D 207 -0.97 -32.43 9.96
C LYS D 207 0.02 -33.58 10.10
N LYS D 208 1.29 -33.32 9.80
CA LYS D 208 2.33 -34.33 9.90
C LYS D 208 2.45 -34.91 11.30
N GLY D 209 2.78 -36.20 11.38
CA GLY D 209 2.92 -36.86 12.66
C GLY D 209 4.11 -37.81 12.71
N ARG D 210 4.38 -38.37 13.89
CA ARG D 210 5.50 -39.30 14.06
C ARG D 210 5.00 -40.67 14.51
N SER D 211 5.30 -41.69 13.70
CA SER D 211 4.88 -43.06 13.99
C SER D 211 5.79 -44.06 13.28
N ALA E 4 -17.97 -5.19 -37.99
CA ALA E 4 -17.54 -3.85 -38.47
C ALA E 4 -16.27 -3.40 -37.74
N ALA E 5 -15.92 -4.12 -36.68
CA ALA E 5 -14.73 -3.81 -35.87
C ALA E 5 -14.34 -4.93 -34.90
N ASP E 6 -13.23 -4.75 -34.21
CA ASP E 6 -12.78 -5.75 -33.26
C ASP E 6 -12.84 -5.19 -31.82
N ARG E 7 -12.38 -5.98 -30.87
CA ARG E 7 -12.41 -5.55 -29.48
C ARG E 7 -11.43 -4.40 -29.22
N ALA E 8 -10.35 -4.36 -30.00
CA ALA E 8 -9.33 -3.32 -29.87
C ALA E 8 -9.87 -1.96 -30.27
N ASP E 9 -10.79 -1.96 -31.23
CA ASP E 9 -11.40 -0.74 -31.71
C ASP E 9 -12.39 -0.25 -30.68
N ILE E 10 -13.25 -1.16 -30.22
CA ILE E 10 -14.25 -0.81 -29.22
C ILE E 10 -13.61 -0.12 -28.04
N LEU E 11 -12.61 -0.77 -27.44
CA LEU E 11 -11.90 -0.24 -26.28
C LEU E 11 -11.26 1.09 -26.61
N TYR E 12 -10.77 1.22 -27.83
CA TYR E 12 -10.12 2.44 -28.26
C TYR E 12 -11.07 3.62 -28.24
N ASN E 13 -12.30 3.39 -28.68
CA ASN E 13 -13.27 4.46 -28.71
C ASN E 13 -13.71 4.84 -27.32
N ILE E 14 -13.88 3.84 -26.46
CA ILE E 14 -14.29 4.07 -25.09
C ILE E 14 -13.33 5.02 -24.40
N ARG E 15 -12.04 4.77 -24.55
CA ARG E 15 -11.01 5.62 -23.95
C ARG E 15 -11.03 7.00 -24.61
N GLN E 16 -11.50 7.08 -25.85
CA GLN E 16 -11.55 8.34 -26.56
C GLN E 16 -12.76 9.20 -26.27
N THR E 17 -13.82 8.58 -25.74
CA THR E 17 -15.03 9.33 -25.45
C THR E 17 -15.36 9.36 -23.97
N SER E 18 -14.94 8.33 -23.23
CA SER E 18 -15.21 8.24 -21.80
C SER E 18 -14.42 9.24 -20.98
N ARG E 19 -15.09 9.83 -19.99
CA ARG E 19 -14.47 10.80 -19.09
C ARG E 19 -14.74 10.36 -17.66
N PRO E 20 -13.79 9.62 -17.06
CA PRO E 20 -13.87 9.10 -15.70
C PRO E 20 -14.21 10.08 -14.58
N ASP E 21 -13.86 11.36 -14.72
CA ASP E 21 -14.17 12.31 -13.65
C ASP E 21 -15.44 13.12 -13.91
N VAL E 22 -16.24 12.67 -14.87
CA VAL E 22 -17.50 13.34 -15.20
C VAL E 22 -18.65 12.36 -15.16
N ILE E 23 -19.61 12.58 -14.27
CA ILE E 23 -20.75 11.69 -14.17
C ILE E 23 -21.55 11.75 -15.48
N PRO E 24 -21.95 10.57 -16.04
CA PRO E 24 -22.72 10.47 -17.28
C PRO E 24 -24.18 10.84 -17.14
N THR E 25 -24.41 12.11 -16.87
CA THR E 25 -25.76 12.65 -16.71
C THR E 25 -26.44 12.81 -18.06
N GLN E 26 -27.53 12.08 -18.28
CA GLN E 26 -28.25 12.16 -19.55
C GLN E 26 -29.33 13.23 -19.39
N ARG E 27 -29.17 14.31 -20.14
CA ARG E 27 -30.09 15.43 -20.05
C ARG E 27 -29.73 16.08 -18.73
N ASP E 28 -30.70 16.15 -17.82
CA ASP E 28 -30.45 16.74 -16.54
C ASP E 28 -30.99 15.84 -15.45
N ARG E 29 -31.31 14.62 -15.84
CA ARG E 29 -31.82 13.72 -14.86
C ARG E 29 -30.69 12.96 -14.16
N PRO E 30 -30.93 12.51 -12.91
CA PRO E 30 -29.90 11.77 -12.19
C PRO E 30 -29.52 10.46 -12.87
N VAL E 31 -28.29 10.03 -12.65
CA VAL E 31 -27.80 8.75 -13.19
C VAL E 31 -28.38 7.61 -12.36
N ALA E 32 -29.06 6.69 -13.00
CA ALA E 32 -29.66 5.55 -12.28
C ALA E 32 -28.64 4.49 -11.92
N VAL E 33 -28.22 4.47 -10.66
CA VAL E 33 -27.24 3.49 -10.19
C VAL E 33 -27.91 2.40 -9.37
N SER E 34 -27.76 1.17 -9.83
CA SER E 34 -28.35 0.02 -9.16
C SER E 34 -27.30 -0.73 -8.32
N VAL E 35 -27.62 -0.97 -7.06
CA VAL E 35 -26.71 -1.66 -6.13
C VAL E 35 -27.32 -2.86 -5.40
N SER E 36 -26.64 -3.99 -5.48
CA SER E 36 -27.10 -5.22 -4.87
C SER E 36 -25.89 -5.97 -4.28
N LEU E 37 -26.04 -6.51 -3.08
CA LEU E 37 -24.94 -7.26 -2.45
C LEU E 37 -25.31 -8.72 -2.30
N LYS E 38 -24.45 -9.60 -2.83
CA LYS E 38 -24.65 -11.05 -2.74
C LYS E 38 -23.59 -11.64 -1.80
N PHE E 39 -23.93 -11.75 -0.52
CA PHE E 39 -23.01 -12.26 0.48
C PHE E 39 -22.31 -13.59 0.20
N ILE E 40 -20.99 -13.57 0.35
CA ILE E 40 -20.16 -14.74 0.11
C ILE E 40 -19.61 -15.37 1.39
N ASN E 41 -19.32 -14.56 2.40
CA ASN E 41 -18.80 -15.10 3.63
C ASN E 41 -18.92 -14.12 4.80
N ILE E 42 -18.92 -14.66 6.01
CA ILE E 42 -18.96 -13.86 7.23
C ILE E 42 -17.79 -14.45 8.00
N LEU E 43 -16.68 -13.73 8.02
CA LEU E 43 -15.44 -14.21 8.64
C LEU E 43 -15.25 -13.99 10.12
N GLU E 44 -14.97 -12.75 10.49
CA GLU E 44 -14.72 -12.45 11.89
C GLU E 44 -15.89 -11.66 12.47
N VAL E 45 -16.31 -12.04 13.67
CA VAL E 45 -17.45 -11.36 14.32
C VAL E 45 -17.18 -11.11 15.79
N ASN E 46 -17.60 -9.94 16.27
CA ASN E 46 -17.37 -9.58 17.65
C ASN E 46 -18.59 -8.93 18.26
N GLU E 47 -19.34 -9.72 19.02
CA GLU E 47 -20.56 -9.22 19.64
C GLU E 47 -20.30 -8.16 20.71
N ILE E 48 -19.09 -8.13 21.25
CA ILE E 48 -18.75 -7.15 22.27
C ILE E 48 -18.60 -5.74 21.65
N THR E 49 -17.76 -5.63 20.62
CA THR E 49 -17.50 -4.38 19.95
C THR E 49 -18.47 -4.06 18.80
N ASN E 50 -19.35 -5.01 18.48
CA ASN E 50 -20.32 -4.82 17.41
C ASN E 50 -19.70 -4.59 16.04
N GLU E 51 -18.72 -5.42 15.70
CA GLU E 51 -18.05 -5.33 14.43
C GLU E 51 -18.06 -6.67 13.72
N VAL E 52 -18.13 -6.62 12.39
CA VAL E 52 -18.11 -7.82 11.57
C VAL E 52 -17.25 -7.59 10.33
N ASP E 53 -16.64 -8.67 9.87
CA ASP E 53 -15.78 -8.68 8.70
C ASP E 53 -16.63 -9.41 7.69
N VAL E 54 -16.81 -8.86 6.50
CA VAL E 54 -17.67 -9.53 5.53
C VAL E 54 -17.13 -9.56 4.11
N VAL E 55 -17.41 -10.65 3.39
CA VAL E 55 -17.00 -10.77 1.98
C VAL E 55 -18.31 -10.82 1.17
N PHE E 56 -18.41 -10.00 0.13
CA PHE E 56 -19.61 -9.95 -0.70
C PHE E 56 -19.37 -9.39 -2.09
N TRP E 57 -20.25 -9.72 -3.02
CA TRP E 57 -20.17 -9.20 -4.37
C TRP E 57 -21.06 -7.97 -4.42
N GLN E 58 -20.49 -6.82 -4.77
CA GLN E 58 -21.28 -5.60 -4.83
C GLN E 58 -21.67 -5.41 -6.30
N ARG E 59 -22.78 -6.01 -6.69
CA ARG E 59 -23.25 -5.92 -8.07
C ARG E 59 -23.66 -4.47 -8.36
N THR E 60 -22.82 -3.76 -9.09
CA THR E 60 -23.11 -2.37 -9.38
C THR E 60 -23.48 -2.21 -10.84
N THR E 61 -24.50 -1.40 -11.10
CA THR E 61 -24.97 -1.20 -12.45
C THR E 61 -25.45 0.22 -12.70
N TRP E 62 -25.20 0.70 -13.91
CA TRP E 62 -25.62 2.03 -14.30
C TRP E 62 -25.45 2.16 -15.80
N SER E 63 -25.85 3.31 -16.32
CA SER E 63 -25.79 3.54 -17.75
C SER E 63 -24.93 4.72 -18.14
N ASP E 64 -24.15 4.55 -19.21
CA ASP E 64 -23.28 5.59 -19.74
C ASP E 64 -23.48 5.55 -21.25
N ARG E 65 -24.35 6.41 -21.76
CA ARG E 65 -24.63 6.45 -23.19
C ARG E 65 -23.46 6.87 -24.05
N THR E 66 -22.60 7.73 -23.53
CA THR E 66 -21.44 8.21 -24.28
C THR E 66 -20.44 7.11 -24.65
N LEU E 67 -20.80 5.86 -24.42
CA LEU E 67 -19.90 4.75 -24.74
C LEU E 67 -20.50 3.79 -25.76
N ALA E 68 -21.80 3.89 -25.98
CA ALA E 68 -22.50 3.01 -26.92
C ALA E 68 -21.80 2.95 -28.28
N TRP E 69 -21.97 1.82 -28.96
CA TRP E 69 -21.36 1.60 -30.27
C TRP E 69 -22.18 0.58 -31.05
N ASP E 70 -22.03 0.59 -32.38
CA ASP E 70 -22.73 -0.34 -33.25
C ASP E 70 -22.13 -1.73 -33.11
N SER E 71 -22.93 -2.70 -32.69
CA SER E 71 -22.44 -4.07 -32.51
C SER E 71 -23.15 -5.06 -33.43
N SER E 72 -23.68 -4.57 -34.55
CA SER E 72 -24.38 -5.42 -35.50
C SER E 72 -23.40 -6.43 -36.09
N HIS E 73 -22.13 -6.02 -36.18
CA HIS E 73 -21.08 -6.89 -36.72
C HIS E 73 -19.83 -6.84 -35.83
N SER E 74 -20.02 -6.41 -34.59
CA SER E 74 -18.93 -6.32 -33.63
C SER E 74 -19.42 -6.78 -32.25
N PRO E 75 -18.49 -7.16 -31.35
CA PRO E 75 -18.86 -7.61 -30.00
C PRO E 75 -19.71 -6.55 -29.32
N ASP E 76 -20.80 -6.99 -28.69
CA ASP E 76 -21.69 -6.06 -28.01
C ASP E 76 -21.31 -5.87 -26.54
N GLN E 77 -20.24 -6.56 -26.13
CA GLN E 77 -19.73 -6.47 -24.76
C GLN E 77 -18.22 -6.62 -24.66
N VAL E 78 -17.63 -5.88 -23.74
CA VAL E 78 -16.20 -5.97 -23.49
C VAL E 78 -15.83 -5.67 -22.04
N SER E 79 -14.78 -6.32 -21.55
CA SER E 79 -14.33 -6.08 -20.20
C SER E 79 -13.40 -4.86 -20.27
N VAL E 80 -13.59 -3.90 -19.38
CA VAL E 80 -12.79 -2.67 -19.36
C VAL E 80 -12.32 -2.29 -17.95
N PRO E 81 -11.08 -1.75 -17.82
CA PRO E 81 -10.52 -1.32 -16.53
C PRO E 81 -11.35 -0.17 -16.00
N ILE E 82 -11.84 -0.29 -14.77
CA ILE E 82 -12.66 0.77 -14.23
C ILE E 82 -11.96 2.12 -14.29
N SER E 83 -10.63 2.11 -14.33
CA SER E 83 -9.89 3.37 -14.39
C SER E 83 -10.11 4.11 -15.72
N SER E 84 -10.78 3.47 -16.67
CA SER E 84 -11.08 4.11 -17.98
C SER E 84 -12.50 4.65 -18.02
N LEU E 85 -13.33 4.17 -17.09
CA LEU E 85 -14.73 4.57 -17.04
C LEU E 85 -15.02 5.41 -15.80
N TRP E 86 -16.15 6.11 -15.83
CA TRP E 86 -16.56 6.89 -14.66
C TRP E 86 -17.22 5.85 -13.77
N VAL E 87 -17.00 5.91 -12.46
CA VAL E 87 -17.61 4.93 -11.58
C VAL E 87 -18.30 5.69 -10.47
N PRO E 88 -19.47 5.21 -10.01
CA PRO E 88 -20.22 5.88 -8.92
C PRO E 88 -19.31 5.92 -7.69
N ASP E 89 -19.35 7.00 -6.91
CA ASP E 89 -18.48 7.13 -5.72
C ASP E 89 -19.19 6.55 -4.51
N LEU E 90 -19.64 5.32 -4.64
CA LEU E 90 -20.35 4.64 -3.56
C LEU E 90 -19.48 4.43 -2.32
N ALA E 91 -20.13 4.28 -1.18
CA ALA E 91 -19.45 4.07 0.10
C ALA E 91 -20.36 3.42 1.12
N ALA E 92 -19.79 2.75 2.11
CA ALA E 92 -20.59 2.12 3.17
C ALA E 92 -20.55 3.11 4.34
N TYR E 93 -21.69 3.68 4.69
CA TYR E 93 -21.72 4.67 5.77
C TYR E 93 -21.19 4.16 7.11
N ASN E 94 -21.52 2.93 7.46
CA ASN E 94 -21.12 2.38 8.74
C ASN E 94 -19.92 1.42 8.62
N ALA E 95 -19.15 1.57 7.55
CA ALA E 95 -17.98 0.72 7.35
C ALA E 95 -16.86 1.31 8.22
N ILE E 96 -16.07 0.47 8.88
CA ILE E 96 -14.99 0.98 9.72
C ILE E 96 -13.62 0.70 9.15
N SER E 97 -13.60 0.29 7.90
CA SER E 97 -12.36 0.00 7.20
C SER E 97 -12.66 0.22 5.74
N LYS E 98 -11.66 0.62 4.97
CA LYS E 98 -11.91 0.83 3.56
C LYS E 98 -12.09 -0.52 2.88
N PRO E 99 -12.83 -0.55 1.76
CA PRO E 99 -13.09 -1.77 1.02
C PRO E 99 -11.82 -2.38 0.47
N GLU E 100 -11.71 -3.70 0.59
CA GLU E 100 -10.56 -4.45 0.08
C GLU E 100 -11.08 -5.25 -1.13
N VAL E 101 -10.86 -4.72 -2.34
CA VAL E 101 -11.30 -5.38 -3.57
C VAL E 101 -10.42 -6.60 -3.84
N LEU E 102 -11.01 -7.78 -3.82
CA LEU E 102 -10.27 -9.01 -4.04
C LEU E 102 -10.13 -9.44 -5.50
N THR E 103 -11.03 -8.96 -6.35
CA THR E 103 -11.00 -9.37 -7.74
C THR E 103 -10.45 -8.32 -8.71
N PRO E 104 -10.11 -8.74 -9.95
CA PRO E 104 -9.58 -7.78 -10.93
C PRO E 104 -10.59 -6.66 -11.07
N GLN E 105 -10.10 -5.42 -11.13
CA GLN E 105 -10.98 -4.25 -11.22
C GLN E 105 -11.38 -3.87 -12.65
N LEU E 106 -12.07 -4.81 -13.28
CA LEU E 106 -12.56 -4.66 -14.64
C LEU E 106 -14.09 -4.61 -14.61
N ALA E 107 -14.63 -3.75 -15.46
CA ALA E 107 -16.06 -3.60 -15.58
C ALA E 107 -16.47 -4.18 -16.93
N ARG E 108 -17.74 -4.51 -17.03
CA ARG E 108 -18.30 -5.08 -18.24
C ARG E 108 -19.14 -3.96 -18.87
N VAL E 109 -18.76 -3.53 -20.07
CA VAL E 109 -19.47 -2.46 -20.78
C VAL E 109 -20.22 -3.02 -21.98
N VAL E 110 -21.51 -2.71 -22.11
CA VAL E 110 -22.30 -3.20 -23.22
C VAL E 110 -22.40 -2.12 -24.29
N SER E 111 -22.66 -2.54 -25.53
CA SER E 111 -22.78 -1.62 -26.65
C SER E 111 -23.89 -0.60 -26.53
N ASP E 112 -24.87 -0.87 -25.67
CA ASP E 112 -25.98 0.08 -25.50
C ASP E 112 -25.63 1.11 -24.44
N GLY E 113 -24.42 1.01 -23.89
CA GLY E 113 -24.01 1.96 -22.87
C GLY E 113 -24.17 1.45 -21.44
N GLU E 114 -24.68 0.24 -21.28
CA GLU E 114 -24.86 -0.32 -19.94
C GLU E 114 -23.52 -0.75 -19.35
N VAL E 115 -23.28 -0.35 -18.11
CA VAL E 115 -22.03 -0.68 -17.42
C VAL E 115 -22.28 -1.53 -16.16
N LEU E 116 -21.56 -2.63 -16.02
CA LEU E 116 -21.70 -3.51 -14.88
C LEU E 116 -20.34 -3.73 -14.21
N TYR E 117 -20.30 -3.56 -12.89
CA TYR E 117 -19.08 -3.73 -12.13
C TYR E 117 -19.44 -4.52 -10.90
N MET E 118 -18.89 -5.73 -10.80
CA MET E 118 -19.19 -6.59 -9.67
C MET E 118 -17.94 -7.10 -8.98
N PRO E 119 -17.35 -6.26 -8.13
CA PRO E 119 -16.15 -6.66 -7.41
C PRO E 119 -16.47 -7.45 -6.14
N SER E 120 -15.58 -8.34 -5.76
CA SER E 120 -15.76 -9.11 -4.55
C SER E 120 -15.04 -8.22 -3.55
N ILE E 121 -15.71 -7.90 -2.45
CA ILE E 121 -15.13 -7.02 -1.46
C ILE E 121 -15.12 -7.57 -0.04
N ARG E 122 -14.04 -7.31 0.67
CA ARG E 122 -13.97 -7.74 2.04
C ARG E 122 -13.86 -6.43 2.81
N GLN E 123 -14.75 -6.23 3.77
CA GLN E 123 -14.78 -4.99 4.54
C GLN E 123 -15.33 -5.18 5.96
N ARG E 124 -14.90 -4.33 6.88
CA ARG E 124 -15.34 -4.41 8.27
CA ARG E 124 -15.37 -4.45 8.27
C ARG E 124 -16.39 -3.34 8.53
N PHE E 125 -17.49 -3.74 9.18
CA PHE E 125 -18.60 -2.83 9.46
C PHE E 125 -18.95 -2.75 10.95
N SER E 126 -19.51 -1.60 11.33
CA SER E 126 -19.97 -1.39 12.70
C SER E 126 -21.49 -1.56 12.60
N CYS E 127 -22.04 -2.55 13.27
CA CYS E 127 -23.48 -2.77 13.19
C CYS E 127 -23.98 -3.65 14.33
N ASP E 128 -25.30 -3.84 14.40
CA ASP E 128 -25.90 -4.63 15.47
C ASP E 128 -25.52 -6.11 15.38
N VAL E 129 -24.56 -6.53 16.19
CA VAL E 129 -24.12 -7.94 16.18
C VAL E 129 -24.76 -8.73 17.34
N SER E 130 -25.61 -8.06 18.12
CA SER E 130 -26.26 -8.68 19.26
C SER E 130 -27.16 -9.84 18.85
N GLY E 131 -27.08 -10.92 19.62
CA GLY E 131 -27.89 -12.09 19.35
C GLY E 131 -27.32 -12.99 18.28
N VAL E 132 -26.08 -12.75 17.87
CA VAL E 132 -25.45 -13.56 16.82
C VAL E 132 -25.38 -15.05 17.15
N ASP E 133 -25.24 -15.38 18.43
CA ASP E 133 -25.16 -16.76 18.90
C ASP E 133 -26.52 -17.27 19.38
N THR E 134 -27.61 -16.66 18.92
CA THR E 134 -28.93 -17.12 19.33
C THR E 134 -29.63 -17.81 18.17
N GLU E 135 -30.89 -18.15 18.37
CA GLU E 135 -31.63 -18.83 17.32
C GLU E 135 -32.17 -17.81 16.31
N SER E 136 -32.63 -16.67 16.81
CA SER E 136 -33.16 -15.64 15.93
C SER E 136 -32.00 -14.97 15.21
N GLY E 137 -30.83 -15.04 15.84
CA GLY E 137 -29.63 -14.46 15.26
C GLY E 137 -29.57 -12.96 15.38
N ALA E 138 -28.59 -12.37 14.71
CA ALA E 138 -28.38 -10.93 14.73
C ALA E 138 -28.72 -10.33 13.36
N THR E 139 -29.06 -9.04 13.34
CA THR E 139 -29.38 -8.35 12.09
C THR E 139 -28.44 -7.16 11.87
N CYS E 140 -27.44 -7.35 11.02
CA CYS E 140 -26.50 -6.29 10.76
C CYS E 140 -26.93 -5.52 9.51
N ARG E 141 -27.18 -4.22 9.68
CA ARG E 141 -27.61 -3.39 8.57
C ARG E 141 -26.45 -2.62 7.93
N ILE E 142 -26.27 -2.85 6.63
CA ILE E 142 -25.22 -2.21 5.82
C ILE E 142 -25.85 -1.13 4.94
N LYS E 143 -25.29 0.07 4.97
CA LYS E 143 -25.83 1.18 4.16
C LYS E 143 -24.84 1.66 3.13
N ILE E 144 -25.21 1.56 1.86
CA ILE E 144 -24.34 1.97 0.78
C ILE E 144 -24.99 2.97 -0.17
N GLY E 145 -24.34 4.10 -0.35
CA GLY E 145 -24.86 5.12 -1.24
C GLY E 145 -23.77 6.04 -1.76
N SER E 146 -24.10 6.93 -2.69
CA SER E 146 -23.10 7.83 -3.20
C SER E 146 -22.53 8.68 -2.07
N TRP E 147 -21.27 9.07 -2.18
CA TRP E 147 -20.73 9.86 -1.10
C TRP E 147 -20.90 11.35 -1.29
N THR E 148 -20.66 11.85 -2.50
CA THR E 148 -20.77 13.28 -2.79
C THR E 148 -21.91 13.66 -3.72
N HIS E 149 -22.56 12.69 -4.34
CA HIS E 149 -23.64 12.97 -5.26
C HIS E 149 -25.04 12.83 -4.64
N HIS E 150 -25.75 13.93 -4.47
CA HIS E 150 -27.09 13.87 -3.87
C HIS E 150 -28.12 13.30 -4.86
N SER E 151 -29.36 13.12 -4.39
CA SER E 151 -30.46 12.54 -5.17
C SER E 151 -30.67 13.09 -6.58
N ARG E 152 -30.44 14.38 -6.78
CA ARG E 152 -30.64 14.94 -8.11
C ARG E 152 -29.49 14.56 -9.05
N GLU E 153 -28.40 14.04 -8.50
CA GLU E 153 -27.26 13.63 -9.32
C GLU E 153 -27.14 12.11 -9.44
N ILE E 154 -27.46 11.39 -8.37
CA ILE E 154 -27.40 9.93 -8.40
C ILE E 154 -28.54 9.34 -7.58
N SER E 155 -29.19 8.33 -8.14
CA SER E 155 -30.27 7.63 -7.44
C SER E 155 -29.88 6.15 -7.39
N VAL E 156 -29.99 5.55 -6.22
CA VAL E 156 -29.65 4.14 -6.07
C VAL E 156 -30.87 3.32 -5.68
N ASP E 157 -31.01 2.15 -6.30
CA ASP E 157 -32.13 1.29 -5.98
C ASP E 157 -31.70 -0.15 -6.07
N PRO E 158 -32.20 -0.98 -5.16
CA PRO E 158 -31.87 -2.40 -5.13
C PRO E 158 -32.50 -3.14 -6.30
N THR E 159 -31.81 -4.14 -6.82
CA THR E 159 -32.33 -4.93 -7.92
C THR E 159 -33.41 -5.84 -7.37
N THR E 160 -34.66 -5.51 -7.66
CA THR E 160 -35.80 -6.30 -7.18
C THR E 160 -35.83 -7.72 -7.73
N GLU E 161 -34.70 -8.20 -8.25
CA GLU E 161 -34.62 -9.55 -8.79
C GLU E 161 -34.48 -10.57 -7.64
N ASN E 162 -35.26 -11.65 -7.70
CA ASN E 162 -35.23 -12.69 -6.66
C ASN E 162 -34.13 -13.72 -6.87
N SER E 163 -33.59 -14.19 -5.75
CA SER E 163 -32.52 -15.18 -5.76
C SER E 163 -32.34 -15.64 -4.32
N ASP E 164 -31.67 -16.78 -4.14
CA ASP E 164 -31.43 -17.31 -2.81
C ASP E 164 -30.33 -16.48 -2.14
N ASP E 165 -30.62 -15.97 -0.94
CA ASP E 165 -29.67 -15.16 -0.19
C ASP E 165 -28.34 -15.87 0.04
N SER E 166 -28.38 -17.00 0.74
CA SER E 166 -27.15 -17.75 0.98
C SER E 166 -26.91 -18.64 -0.23
N GLU E 167 -27.09 -18.09 -1.42
CA GLU E 167 -26.90 -18.86 -2.65
C GLU E 167 -25.43 -19.10 -2.95
N TYR E 168 -24.64 -18.04 -2.82
CA TYR E 168 -23.21 -18.15 -3.08
C TYR E 168 -22.45 -18.11 -1.77
N PHE E 169 -23.20 -18.10 -0.66
CA PHE E 169 -22.60 -18.06 0.67
C PHE E 169 -21.83 -19.34 0.98
N SER E 170 -20.57 -19.17 1.31
CA SER E 170 -19.69 -20.28 1.65
C SER E 170 -20.33 -21.15 2.71
N GLN E 171 -20.39 -22.45 2.43
CA GLN E 171 -20.95 -23.41 3.36
C GLN E 171 -19.92 -23.75 4.42
N TYR E 172 -18.72 -23.17 4.32
CA TYR E 172 -17.67 -23.46 5.29
C TYR E 172 -17.52 -22.37 6.33
N SER E 173 -18.37 -21.34 6.23
CA SER E 173 -18.35 -20.24 7.18
C SER E 173 -18.92 -20.75 8.51
N ARG E 174 -18.48 -20.17 9.62
CA ARG E 174 -18.98 -20.58 10.93
C ARG E 174 -20.41 -20.12 11.11
N PHE E 175 -20.81 -19.17 10.27
CA PHE E 175 -22.14 -18.62 10.35
C PHE E 175 -23.00 -19.01 9.16
N GLU E 176 -24.29 -18.72 9.25
CA GLU E 176 -25.21 -19.03 8.19
C GLU E 176 -26.19 -17.84 8.06
N ILE E 177 -26.64 -17.59 6.83
CA ILE E 177 -27.57 -16.50 6.53
C ILE E 177 -29.00 -16.93 6.77
N LEU E 178 -29.76 -16.13 7.51
CA LEU E 178 -31.15 -16.46 7.79
C LEU E 178 -32.07 -15.73 6.82
N ASP E 179 -31.69 -14.51 6.47
CA ASP E 179 -32.48 -13.65 5.58
C ASP E 179 -31.69 -12.39 5.19
N VAL E 180 -32.06 -11.79 4.08
CA VAL E 180 -31.41 -10.58 3.61
C VAL E 180 -32.43 -9.73 2.90
N THR E 181 -32.70 -8.54 3.42
CA THR E 181 -33.65 -7.64 2.81
C THR E 181 -32.92 -6.36 2.43
N GLN E 182 -33.09 -5.94 1.18
CA GLN E 182 -32.44 -4.74 0.65
C GLN E 182 -33.42 -3.60 0.34
N LYS E 183 -33.56 -2.68 1.30
CA LYS E 183 -34.45 -1.54 1.19
C LYS E 183 -33.78 -0.27 0.68
N LYS E 184 -34.54 0.55 -0.05
CA LYS E 184 -34.04 1.81 -0.59
C LYS E 184 -34.27 2.86 0.48
N ASN E 185 -33.38 3.82 0.62
CA ASN E 185 -33.54 4.82 1.65
C ASN E 185 -32.90 6.15 1.27
N SER E 186 -33.23 7.21 2.00
CA SER E 186 -32.67 8.53 1.72
C SER E 186 -32.23 9.21 3.02
N VAL E 187 -31.23 10.07 2.94
CA VAL E 187 -30.70 10.77 4.13
C VAL E 187 -30.55 12.26 3.90
N THR E 188 -30.72 13.07 4.93
CA THR E 188 -30.55 14.50 4.79
C THR E 188 -29.74 14.98 5.99
N TYR E 189 -29.13 16.15 5.87
CA TYR E 189 -28.32 16.68 6.98
C TYR E 189 -28.69 18.10 7.35
N SER E 190 -28.86 18.35 8.64
CA SER E 190 -29.21 19.67 9.12
C SER E 190 -28.05 20.63 8.84
N CYS E 191 -28.02 21.13 7.61
CA CYS E 191 -26.95 22.03 7.21
C CYS E 191 -27.14 22.29 5.76
N CYS E 192 -27.64 21.24 5.13
CA CYS E 192 -27.78 21.24 3.72
C CYS E 192 -29.10 20.64 3.26
N PRO E 193 -29.73 21.26 2.25
CA PRO E 193 -31.01 20.84 1.68
C PRO E 193 -31.02 19.50 0.95
N GLU E 194 -30.07 19.30 0.03
CA GLU E 194 -29.99 18.06 -0.75
C GLU E 194 -29.96 16.79 0.09
N ALA E 195 -30.54 15.73 -0.45
CA ALA E 195 -30.58 14.45 0.23
C ALA E 195 -29.76 13.42 -0.55
N TYR E 196 -29.37 12.34 0.11
CA TYR E 196 -28.57 11.33 -0.54
C TYR E 196 -29.23 9.95 -0.49
N GLU E 197 -29.31 9.27 -1.62
CA GLU E 197 -29.94 7.96 -1.64
C GLU E 197 -28.96 6.87 -1.26
N ASP E 198 -29.49 5.78 -0.71
CA ASP E 198 -28.68 4.65 -0.31
C ASP E 198 -29.53 3.40 -0.24
N VAL E 199 -28.86 2.26 -0.30
CA VAL E 199 -29.53 0.98 -0.20
C VAL E 199 -29.14 0.47 1.18
N GLU E 200 -30.14 0.17 2.00
CA GLU E 200 -29.92 -0.33 3.35
C GLU E 200 -30.09 -1.84 3.24
N VAL E 201 -29.00 -2.58 3.41
CA VAL E 201 -29.03 -4.04 3.33
C VAL E 201 -28.95 -4.63 4.73
N SER E 202 -30.04 -5.26 5.16
CA SER E 202 -30.11 -5.88 6.47
C SER E 202 -29.78 -7.35 6.37
N LEU E 203 -28.64 -7.74 6.96
CA LEU E 203 -28.18 -9.11 6.92
C LEU E 203 -28.44 -9.82 8.24
N ASN E 204 -29.44 -10.68 8.25
CA ASN E 204 -29.78 -11.43 9.46
C ASN E 204 -29.06 -12.75 9.40
N PHE E 205 -28.11 -12.94 10.30
CA PHE E 205 -27.33 -14.17 10.32
C PHE E 205 -27.11 -14.64 11.74
N ARG E 206 -26.62 -15.86 11.88
CA ARG E 206 -26.36 -16.41 13.19
C ARG E 206 -25.26 -17.46 13.17
N LYS E 207 -24.72 -17.80 14.33
CA LYS E 207 -23.70 -18.84 14.37
C LYS E 207 -24.42 -20.15 14.19
N LYS E 208 -23.89 -21.00 13.31
CA LYS E 208 -24.49 -22.30 13.06
C LYS E 208 -24.59 -23.06 14.37
N GLY E 209 -25.74 -23.66 14.63
CA GLY E 209 -25.88 -24.41 15.87
C GLY E 209 -25.49 -25.85 15.63
N ARG E 210 -26.36 -26.75 16.07
CA ARG E 210 -26.20 -28.20 15.92
C ARG E 210 -27.43 -28.92 16.47
N SER E 211 -27.30 -30.23 16.73
CA SER E 211 -28.41 -31.04 17.25
C SER E 211 -27.88 -32.25 17.99
C5 IM4 F . 7.64 23.97 9.54
C6 IM4 F . 8.33 23.58 8.37
C1 IM4 F . 8.03 22.32 7.78
CL7 IM4 F . 8.86 21.83 6.33
N2 IM4 F . 7.12 21.51 8.34
C3 IM4 F . 6.44 21.84 9.46
C4 IM4 F . 6.68 23.09 10.11
C8 IM4 F . 5.92 23.47 11.40
N9 IM4 F . 6.09 22.57 12.54
C13 IM4 F . 5.21 21.43 12.83
C12 IM4 F . 5.78 20.77 14.11
N11 IM4 F . 6.95 21.57 14.47
C10 IM4 F . 7.11 22.61 13.53
N14 IM4 F . 8.03 23.50 13.55
N15 IM4 F . 9.09 23.76 14.36
O16 IM4 F . 9.84 24.77 14.09
O17 IM4 F . 9.39 23.04 15.40
C5 IM4 G . 26.23 2.25 -0.68
C6 IM4 G . 25.68 1.99 -1.96
C1 IM4 G . 24.50 1.22 -2.04
CL7 IM4 G . 23.80 0.88 -3.61
N2 IM4 G . 23.90 0.75 -0.92
C3 IM4 G . 24.39 1.00 0.32
C4 IM4 G . 25.60 1.76 0.49
C8 IM4 G . 26.20 2.06 1.89
N9 IM4 G . 25.92 1.10 2.98
C13 IM4 G . 24.83 1.30 3.95
C12 IM4 G . 24.88 0.08 4.88
N11 IM4 G . 25.97 -0.75 4.37
C10 IM4 G . 26.57 -0.13 3.25
N14 IM4 G . 27.56 -0.58 2.57
N15 IM4 G . 28.33 -1.73 2.64
O16 IM4 G . 29.29 -1.88 1.79
O17 IM4 G . 28.15 -2.65 3.53
C5 IM4 H . 9.43 -19.78 -15.59
C6 IM4 H . 8.50 -18.97 -16.30
C1 IM4 H . 7.93 -17.86 -15.64
CL7 IM4 H . 6.80 -16.88 -16.48
N2 IM4 H . 8.25 -17.57 -14.37
C3 IM4 H . 9.13 -18.31 -13.66
C4 IM4 H . 9.76 -19.44 -14.25
C8 IM4 H . 10.75 -20.27 -13.44
N9 IM4 H . 10.10 -20.99 -12.31
C13 IM4 H . 10.06 -20.48 -10.95
C12 IM4 H . 9.30 -21.52 -10.12
N11 IM4 H . 8.95 -22.57 -11.08
C10 IM4 H . 9.44 -22.22 -12.35
N14 IM4 H . 9.31 -22.91 -13.42
N15 IM4 H . 8.71 -24.10 -13.71
O16 IM4 H . 8.77 -24.52 -14.92
O17 IM4 H . 8.11 -24.82 -12.82
C5 IM4 I . -19.68 -10.41 -14.52
C6 IM4 I . -19.49 -9.04 -14.80
C1 IM4 I . -18.51 -8.33 -14.08
CL7 IM4 I . -18.26 -6.63 -14.43
N2 IM4 I . -17.77 -8.94 -13.14
C3 IM4 I . -17.92 -10.25 -12.84
C4 IM4 I . -18.89 -11.04 -13.54
C8 IM4 I . -19.10 -12.53 -13.25
N9 IM4 I . -19.55 -12.89 -11.91
C13 IM4 I . -18.63 -13.35 -10.86
C12 IM4 I . -19.51 -13.61 -9.63
N11 IM4 I . -20.88 -13.30 -10.05
C10 IM4 I . -20.87 -12.89 -11.40
N14 IM4 I . -21.88 -12.53 -12.09
N15 IM4 I . -23.22 -12.44 -11.86
O16 IM4 I . -23.98 -12.04 -12.82
O17 IM4 I . -23.77 -12.72 -10.71
C5 IM4 J . -21.21 16.39 0.94
C6 IM4 J . -20.08 17.08 0.45
C1 IM4 J . -18.86 16.36 0.34
CL7 IM4 J . -17.43 17.16 -0.26
N2 IM4 J . -18.78 15.05 0.69
C3 IM4 J . -19.84 14.37 1.15
C4 IM4 J . -21.13 15.01 1.29
C8 IM4 J . -22.38 14.28 1.80
N9 IM4 J . -22.33 13.72 3.16
C13 IM4 J . -22.08 12.31 3.44
C12 IM4 J . -22.13 12.16 4.98
N11 IM4 J . -22.40 13.50 5.48
C10 IM4 J . -22.53 14.39 4.40
N14 IM4 J . -22.76 15.65 4.49
N15 IM4 J . -22.97 16.49 5.53
O16 IM4 J . -23.21 17.73 5.27
O17 IM4 J . -22.95 16.10 6.77
#